data_6AWG
#
_entry.id   6AWG
#
_cell.length_a   73.651
_cell.length_b   57.171
_cell.length_c   134.536
_cell.angle_alpha   90.000
_cell.angle_beta   100.240
_cell.angle_gamma   90.000
#
_symmetry.space_group_name_H-M   'P 1 21 1'
#
loop_
_entity.id
_entity.type
_entity.pdbx_description
1 polymer 'Type II pantothenate kinase'
2 non-polymer "ADENOSINE-5'-TRIPHOSPHATE"
3 non-polymer (2R)-N-(3-{[(2H-1,3-benzodioxol-5-yl)methyl]amino}-3-oxopropyl)-2-hydroxy-3,3-dimethylbutanamide
4 non-polymer "ADENOSINE-5'-DIPHOSPHATE"
5 water water
#
_entity_poly.entity_id   1
_entity_poly.type   'polypeptide(L)'
_entity_poly.pdbx_seq_one_letter_code
;MKVGIDAGGTLIKIVQEQDNQRTFKTELTKNIDQVVEWLNQQQIEKLCLTGGNAGVIAENINIPAQIFVEFDAASQGLGI
LLKEQGHDLADYIFANVGTGTSLHYFDGQSQRRVGGIGTGGGMIQGLGYLLSQITDYKQLTDMAQHGDRNTIDLKVRHIY
KDTEPPIPGDLTAANFGHVLHHLDADFTPSNKLAAVIGVVGEVVTTMAITVAREFKTENIVYIGSSFHNNALLRKVVEDY
TVLRGCKPYYVENGAFSGAIGALYLE
;
_entity_poly.pdbx_strand_id   A,B,C,D
#
loop_
_chem_comp.id
_chem_comp.type
_chem_comp.name
_chem_comp.formula
ADP non-polymer ADENOSINE-5'-DIPHOSPHATE 'C10 H15 N5 O10 P2'
ATP non-polymer ADENOSINE-5'-TRIPHOSPHATE 'C10 H16 N5 O13 P3'
C0G non-polymer (2R)-N-(3-{[(2H-1,3-benzodioxol-5-yl)methyl]amino}-3-oxopropyl)-2-hydroxy-3,3-dimethylbutanamide 'C17 H24 N2 O5'
#
# COMPACT_ATOMS: atom_id res chain seq x y z
N MET A 1 -13.32 -27.32 -10.72
CA MET A 1 -12.29 -26.28 -10.39
C MET A 1 -11.27 -25.99 -11.51
N LYS A 2 -10.61 -24.85 -11.38
CA LYS A 2 -9.71 -24.32 -12.39
C LYS A 2 -8.37 -24.02 -11.75
N VAL A 3 -7.29 -24.38 -12.43
CA VAL A 3 -5.94 -24.24 -11.86
C VAL A 3 -5.02 -23.45 -12.80
N GLY A 4 -4.21 -22.58 -12.18
CA GLY A 4 -3.24 -21.75 -12.87
C GLY A 4 -1.87 -21.94 -12.25
N ILE A 5 -0.89 -22.24 -13.10
CA ILE A 5 0.46 -22.49 -12.62
C ILE A 5 1.50 -21.69 -13.40
N ASP A 6 2.30 -20.94 -12.64
CA ASP A 6 3.44 -20.22 -13.17
C ASP A 6 4.63 -20.90 -12.51
N ALA A 7 5.31 -21.70 -13.30
CA ALA A 7 6.37 -22.57 -12.80
C ALA A 7 7.72 -21.92 -13.15
N GLY A 8 8.25 -21.19 -12.20
CA GLY A 8 9.40 -20.36 -12.43
C GLY A 8 10.67 -21.12 -12.15
N GLY A 9 11.77 -20.38 -12.15
CA GLY A 9 13.08 -20.97 -11.93
C GLY A 9 13.25 -21.43 -10.51
N THR A 10 12.54 -20.77 -9.59
CA THR A 10 12.73 -21.00 -8.14
C THR A 10 11.41 -21.42 -7.43
N LEU A 11 10.34 -20.69 -7.68
CA LEU A 11 9.03 -20.97 -7.07
C LEU A 11 8.00 -21.37 -8.13
N ILE A 12 7.17 -22.36 -7.76
CA ILE A 12 6.02 -22.74 -8.54
C ILE A 12 4.81 -22.09 -7.88
N LYS A 13 4.11 -21.20 -8.58
CA LYS A 13 2.98 -20.47 -7.97
C LYS A 13 1.70 -21.11 -8.47
N ILE A 14 0.82 -21.50 -7.56
CA ILE A 14 -0.38 -22.23 -7.94
C ILE A 14 -1.59 -21.45 -7.45
N VAL A 15 -2.57 -21.27 -8.33
CA VAL A 15 -3.84 -20.62 -8.01
C VAL A 15 -4.88 -21.61 -8.38
N GLN A 16 -5.76 -21.93 -7.42
CA GLN A 16 -6.95 -22.79 -7.67
C GLN A 16 -8.22 -21.95 -7.54
N GLU A 17 -9.14 -22.06 -8.48
CA GLU A 17 -10.41 -21.31 -8.43
C GLU A 17 -11.58 -22.29 -8.38
N GLN A 18 -12.34 -22.28 -7.26
CA GLN A 18 -13.68 -22.89 -7.18
C GLN A 18 -14.65 -21.77 -6.94
N ASP A 19 -15.83 -21.91 -7.45
CA ASP A 19 -16.82 -20.87 -7.30
C ASP A 19 -16.08 -19.60 -7.55
N ASN A 20 -15.94 -18.76 -6.56
CA ASN A 20 -15.14 -17.55 -6.72
C ASN A 20 -14.02 -17.53 -5.70
N GLN A 21 -13.70 -18.65 -5.10
CA GLN A 21 -12.71 -18.68 -4.06
C GLN A 21 -11.38 -19.02 -4.60
N ARG A 22 -10.39 -18.24 -4.26
CA ARG A 22 -9.05 -18.48 -4.74
C ARG A 22 -8.13 -19.08 -3.73
N THR A 23 -7.29 -19.97 -4.18
CA THR A 23 -6.31 -20.56 -3.31
C THR A 23 -4.97 -20.14 -3.87
N PHE A 24 -4.07 -19.71 -3.02
CA PHE A 24 -2.77 -19.25 -3.47
C PHE A 24 -1.70 -20.09 -2.82
N LYS A 25 -1.14 -21.02 -3.58
CA LYS A 25 -0.14 -21.93 -3.05
C LYS A 25 1.19 -21.67 -3.69
N THR A 26 2.25 -21.68 -2.90
CA THR A 26 3.60 -21.65 -3.47
C THR A 26 4.31 -22.95 -3.14
N GLU A 27 5.20 -23.33 -4.03
CA GLU A 27 5.96 -24.55 -3.87
C GLU A 27 7.31 -24.40 -4.57
N LEU A 28 8.33 -25.04 -4.03
CA LEU A 28 9.63 -24.99 -4.65
C LEU A 28 9.69 -25.72 -5.99
N THR A 29 10.31 -25.05 -6.97
CA THR A 29 10.67 -25.65 -8.27
C THR A 29 11.52 -26.90 -8.11
N LYS A 30 12.34 -26.94 -7.08
CA LYS A 30 13.02 -28.16 -6.70
C LYS A 30 12.04 -29.36 -6.48
N ASN A 31 10.85 -29.07 -5.90
CA ASN A 31 9.85 -30.10 -5.61
C ASN A 31 8.76 -30.23 -6.67
N ILE A 32 9.15 -30.07 -7.92
CA ILE A 32 8.22 -30.09 -9.05
C ILE A 32 7.56 -31.48 -9.25
N ASP A 33 8.21 -32.54 -8.80
CA ASP A 33 7.71 -33.93 -8.84
C ASP A 33 6.41 -34.11 -8.00
N GLN A 34 6.36 -33.41 -6.87
CA GLN A 34 5.25 -33.46 -5.96
C GLN A 34 4.14 -32.51 -6.36
N VAL A 35 4.45 -31.56 -7.22
CA VAL A 35 3.40 -30.76 -7.87
C VAL A 35 2.71 -31.55 -8.96
N VAL A 36 3.48 -32.25 -9.77
CA VAL A 36 2.95 -33.10 -10.83
C VAL A 36 2.01 -34.19 -10.28
N GLU A 37 2.36 -34.72 -9.11
CA GLU A 37 1.67 -35.81 -8.49
C GLU A 37 0.37 -35.32 -7.88
N TRP A 38 0.44 -34.21 -7.13
CA TRP A 38 -0.74 -33.52 -6.59
C TRP A 38 -1.76 -33.33 -7.69
N LEU A 39 -1.30 -32.71 -8.77
CA LEU A 39 -2.09 -32.43 -9.96
C LEU A 39 -2.74 -33.67 -10.51
N ASN A 40 -1.99 -34.77 -10.53
CA ASN A 40 -2.51 -36.05 -11.06
C ASN A 40 -3.61 -36.66 -10.17
N GLN A 41 -3.62 -36.32 -8.87
CA GLN A 41 -4.69 -36.72 -7.93
C GLN A 41 -5.92 -35.82 -7.91
N GLN A 42 -6.00 -34.81 -8.78
CA GLN A 42 -7.06 -33.78 -8.70
C GLN A 42 -8.09 -33.87 -9.83
N GLN A 43 -9.31 -33.41 -9.54
CA GLN A 43 -10.36 -33.23 -10.54
C GLN A 43 -10.28 -31.80 -11.08
N ILE A 44 -9.76 -31.65 -12.30
CA ILE A 44 -9.48 -30.33 -12.88
C ILE A 44 -10.26 -30.08 -14.15
N GLU A 45 -11.13 -29.08 -14.09
CA GLU A 45 -11.91 -28.66 -15.25
C GLU A 45 -11.05 -27.98 -16.28
N LYS A 46 -10.08 -27.19 -15.82
CA LYS A 46 -9.17 -26.48 -16.70
C LYS A 46 -7.84 -26.20 -16.04
N LEU A 47 -6.78 -26.50 -16.79
CA LEU A 47 -5.42 -26.31 -16.33
C LEU A 47 -4.70 -25.42 -17.33
N CYS A 48 -4.16 -24.32 -16.84
CA CYS A 48 -3.36 -23.39 -17.63
C CYS A 48 -1.98 -23.22 -17.01
N LEU A 49 -0.98 -23.19 -17.87
CA LEU A 49 0.40 -23.30 -17.49
C LEU A 49 1.17 -22.13 -18.04
N THR A 50 2.18 -21.70 -17.31
CA THR A 50 3.09 -20.71 -17.78
C THR A 50 4.38 -20.78 -16.97
N GLY A 51 5.40 -20.08 -17.44
CA GLY A 51 6.66 -20.05 -16.75
C GLY A 51 7.61 -21.06 -17.38
N GLY A 52 8.85 -20.95 -16.96
CA GLY A 52 9.93 -21.70 -17.59
C GLY A 52 9.86 -23.20 -17.45
N ASN A 53 9.25 -23.66 -16.36
CA ASN A 53 9.12 -25.10 -16.08
C ASN A 53 7.75 -25.65 -16.41
N ALA A 54 6.94 -24.85 -17.12
CA ALA A 54 5.60 -25.28 -17.52
C ALA A 54 5.63 -26.63 -18.27
N GLY A 55 6.61 -26.78 -19.15
CA GLY A 55 6.74 -27.97 -19.94
C GLY A 55 7.08 -29.22 -19.17
N VAL A 56 7.88 -29.11 -18.12
CA VAL A 56 8.18 -30.23 -17.23
C VAL A 56 6.89 -30.75 -16.63
N ILE A 57 5.99 -29.86 -16.27
CA ILE A 57 4.71 -30.26 -15.70
C ILE A 57 3.87 -30.93 -16.77
N ALA A 58 3.75 -30.25 -17.89
CA ALA A 58 2.91 -30.65 -19.01
C ALA A 58 3.22 -32.05 -19.54
N GLU A 59 4.49 -32.39 -19.61
CA GLU A 59 4.87 -33.72 -20.12
C GLU A 59 4.77 -34.88 -19.09
N ASN A 60 4.43 -34.59 -17.83
CA ASN A 60 4.26 -35.62 -16.80
C ASN A 60 2.88 -35.70 -16.14
N ILE A 61 1.89 -35.00 -16.69
CA ILE A 61 0.51 -35.03 -16.19
C ILE A 61 -0.38 -35.82 -17.13
N ASN A 62 -1.55 -36.18 -16.64
CA ASN A 62 -2.45 -37.09 -17.35
C ASN A 62 -3.51 -36.34 -18.14
N ILE A 63 -3.40 -35.02 -18.21
CA ILE A 63 -4.43 -34.20 -18.84
C ILE A 63 -3.86 -33.14 -19.79
N PRO A 64 -4.66 -32.72 -20.77
CA PRO A 64 -4.20 -31.60 -21.58
C PRO A 64 -4.08 -30.33 -20.73
N ALA A 65 -3.35 -29.34 -21.23
CA ALA A 65 -3.16 -28.06 -20.53
C ALA A 65 -2.76 -27.01 -21.53
N GLN A 66 -3.41 -25.86 -21.47
CA GLN A 66 -2.99 -24.75 -22.29
C GLN A 66 -1.73 -24.11 -21.67
N ILE A 67 -0.80 -23.75 -22.54
CA ILE A 67 0.46 -23.11 -22.15
C ILE A 67 0.53 -21.70 -22.73
N PHE A 68 0.85 -20.74 -21.86
CA PHE A 68 0.94 -19.33 -22.23
C PHE A 68 2.34 -18.81 -21.97
N VAL A 69 2.66 -17.72 -22.67
CA VAL A 69 3.95 -17.02 -22.55
C VAL A 69 3.85 -16.17 -21.31
N GLU A 70 4.81 -16.34 -20.41
CA GLU A 70 4.74 -15.73 -19.08
C GLU A 70 4.63 -14.20 -19.05
N PHE A 71 5.11 -13.54 -20.11
CA PHE A 71 5.02 -12.06 -20.20
C PHE A 71 3.57 -11.65 -20.40
N ASP A 72 2.85 -12.42 -21.19
CA ASP A 72 1.43 -12.20 -21.39
C ASP A 72 0.61 -12.49 -20.17
N ALA A 73 0.97 -13.58 -19.50
CA ALA A 73 0.19 -14.10 -18.41
C ALA A 73 0.36 -13.18 -17.22
N ALA A 74 1.58 -12.79 -16.90
CA ALA A 74 1.86 -11.82 -15.84
C ALA A 74 1.13 -10.47 -16.03
N SER A 75 1.16 -9.89 -17.25
CA SER A 75 0.39 -8.67 -17.56
C SER A 75 -1.11 -8.84 -17.31
N GLN A 76 -1.66 -9.95 -17.77
CA GLN A 76 -3.10 -10.24 -17.57
C GLN A 76 -3.51 -10.37 -16.10
N GLY A 77 -2.68 -11.10 -15.32
CA GLY A 77 -2.99 -11.32 -13.90
C GLY A 77 -2.85 -10.05 -13.07
N LEU A 78 -1.89 -9.24 -13.43
CA LEU A 78 -1.60 -8.05 -12.72
C LEU A 78 -2.67 -7.00 -12.99
N GLY A 79 -3.15 -6.91 -14.23
CA GLY A 79 -4.35 -6.12 -14.54
C GLY A 79 -5.55 -6.48 -13.68
N ILE A 80 -5.78 -7.78 -13.52
CA ILE A 80 -6.85 -8.28 -12.66
C ILE A 80 -6.67 -7.87 -11.19
N LEU A 81 -5.53 -8.18 -10.62
CA LEU A 81 -5.22 -7.75 -9.26
C LEU A 81 -5.20 -6.20 -9.01
N LEU A 82 -4.71 -5.40 -9.95
CA LEU A 82 -4.68 -3.93 -9.83
C LEU A 82 -6.05 -3.31 -9.77
N LYS A 83 -6.92 -3.76 -10.65
CA LYS A 83 -8.33 -3.39 -10.67
C LYS A 83 -9.02 -3.68 -9.32
N GLU A 84 -8.93 -4.93 -8.86
CA GLU A 84 -9.55 -5.43 -7.62
C GLU A 84 -9.14 -4.67 -6.37
N GLN A 85 -7.88 -4.24 -6.34
CA GLN A 85 -7.28 -3.50 -5.23
C GLN A 85 -7.36 -1.97 -5.40
N GLY A 86 -8.00 -1.49 -6.47
CA GLY A 86 -8.39 -0.07 -6.59
C GLY A 86 -7.47 0.81 -7.42
N HIS A 87 -6.36 0.23 -7.87
CA HIS A 87 -5.43 0.90 -8.77
C HIS A 87 -5.99 0.88 -10.18
N ASP A 88 -6.23 2.07 -10.71
CA ASP A 88 -6.77 2.25 -12.05
C ASP A 88 -5.74 3.10 -12.77
N LEU A 89 -4.81 2.44 -13.44
CA LEU A 89 -3.64 3.09 -14.02
C LEU A 89 -3.74 3.02 -15.52
N ALA A 90 -3.70 4.19 -16.15
CA ALA A 90 -3.79 4.28 -17.59
C ALA A 90 -2.68 3.48 -18.26
N ASP A 91 -1.46 3.72 -17.79
CA ASP A 91 -0.24 3.04 -18.23
C ASP A 91 0.68 2.77 -17.05
N TYR A 92 1.69 1.96 -17.30
CA TYR A 92 2.69 1.67 -16.27
C TYR A 92 3.81 0.77 -16.79
N ILE A 93 4.96 0.97 -16.14
CA ILE A 93 6.01 0.01 -16.17
C ILE A 93 5.69 -1.08 -15.14
N PHE A 94 5.92 -2.34 -15.49
CA PHE A 94 6.00 -3.34 -14.44
C PHE A 94 7.30 -4.14 -14.50
N ALA A 95 7.78 -4.44 -13.29
CA ALA A 95 9.08 -5.07 -13.06
C ALA A 95 8.80 -6.33 -12.30
N ASN A 96 9.02 -7.46 -12.96
CA ASN A 96 8.75 -8.78 -12.40
C ASN A 96 10.11 -9.23 -11.82
N VAL A 97 10.26 -9.01 -10.52
CA VAL A 97 11.51 -9.27 -9.81
C VAL A 97 11.50 -10.71 -9.29
N GLY A 98 11.85 -11.63 -10.18
CA GLY A 98 11.86 -13.02 -9.84
C GLY A 98 13.24 -13.51 -9.60
N THR A 99 13.52 -14.70 -10.07
CA THR A 99 14.89 -15.20 -10.02
C THR A 99 15.80 -14.22 -10.77
N GLY A 100 15.34 -13.80 -11.94
CA GLY A 100 15.84 -12.66 -12.67
C GLY A 100 14.71 -11.62 -12.77
N THR A 101 15.02 -10.45 -13.34
CA THR A 101 14.13 -9.33 -13.45
C THR A 101 13.85 -8.97 -14.89
N SER A 102 12.58 -8.92 -15.25
CA SER A 102 12.10 -8.55 -16.55
C SER A 102 11.24 -7.27 -16.45
N LEU A 103 11.35 -6.40 -17.44
CA LEU A 103 10.68 -5.13 -17.35
C LEU A 103 9.81 -4.93 -18.55
N HIS A 104 8.60 -4.42 -18.30
CA HIS A 104 7.56 -4.36 -19.29
C HIS A 104 6.91 -3.00 -19.25
N TYR A 105 6.47 -2.54 -20.40
CA TYR A 105 5.67 -1.34 -20.49
C TYR A 105 4.27 -1.82 -20.88
N PHE A 106 3.29 -1.53 -20.02
CA PHE A 106 1.85 -1.69 -20.31
C PHE A 106 1.28 -0.33 -20.68
N ASP A 107 0.85 -0.22 -21.93
CA ASP A 107 0.30 1.05 -22.51
C ASP A 107 -1.20 1.31 -22.32
N GLY A 108 -1.89 0.44 -21.60
CA GLY A 108 -3.34 0.53 -21.42
C GLY A 108 -4.09 -0.68 -21.95
N GLN A 109 -3.60 -1.29 -23.01
CA GLN A 109 -4.20 -2.47 -23.60
C GLN A 109 -3.29 -3.67 -23.79
N SER A 110 -1.96 -3.50 -23.68
CA SER A 110 -1.08 -4.64 -23.82
C SER A 110 0.31 -4.33 -23.37
N GLN A 111 1.09 -5.38 -23.22
CA GLN A 111 2.40 -5.21 -22.72
C GLN A 111 3.43 -5.49 -23.76
N ARG A 112 4.56 -4.89 -23.51
CA ARG A 112 5.73 -5.06 -24.34
C ARG A 112 6.92 -5.15 -23.37
N ARG A 113 7.75 -6.17 -23.54
CA ARG A 113 9.00 -6.25 -22.78
C ARG A 113 10.07 -5.18 -23.28
N VAL A 114 10.57 -4.35 -22.39
CA VAL A 114 11.39 -3.20 -22.75
C VAL A 114 12.75 -3.25 -22.10
N GLY A 115 12.94 -4.19 -21.20
CA GLY A 115 14.25 -4.43 -20.61
C GLY A 115 14.35 -5.69 -19.75
N GLY A 116 15.55 -5.94 -19.29
CA GLY A 116 15.74 -7.06 -18.39
C GLY A 116 17.10 -7.00 -17.82
N ILE A 117 17.24 -7.54 -16.65
CA ILE A 117 18.50 -7.57 -16.01
C ILE A 117 18.54 -8.79 -15.10
N GLY A 118 19.75 -9.33 -14.94
CA GLY A 118 20.01 -10.50 -14.10
C GLY A 118 20.19 -10.24 -12.60
N THR A 119 19.95 -9.00 -12.16
CA THR A 119 19.82 -8.69 -10.74
C THR A 119 18.38 -8.84 -10.25
N GLY A 120 18.18 -9.79 -9.36
CA GLY A 120 16.87 -10.19 -8.86
C GLY A 120 17.05 -11.10 -7.66
N GLY A 121 16.05 -11.90 -7.32
CA GLY A 121 16.13 -12.79 -6.15
C GLY A 121 17.19 -13.89 -6.19
N GLY A 122 17.51 -14.37 -7.39
CA GLY A 122 18.56 -15.37 -7.59
C GLY A 122 19.86 -14.80 -7.12
N MET A 123 20.11 -13.54 -7.42
CA MET A 123 21.35 -12.93 -6.96
C MET A 123 21.36 -12.82 -5.45
N ILE A 124 20.20 -12.52 -4.86
CA ILE A 124 20.11 -12.33 -3.41
C ILE A 124 20.45 -13.62 -2.69
N GLN A 125 19.88 -14.69 -3.20
CA GLN A 125 20.19 -16.05 -2.74
C GLN A 125 21.60 -16.50 -3.02
N GLY A 126 22.06 -16.34 -4.25
CA GLY A 126 23.34 -16.89 -4.65
C GLY A 126 24.52 -16.14 -4.05
N LEU A 127 24.54 -14.83 -4.30
CA LEU A 127 25.58 -13.94 -3.80
C LEU A 127 25.47 -13.89 -2.28
N GLY A 128 24.25 -13.97 -1.78
CA GLY A 128 24.01 -14.17 -0.33
C GLY A 128 24.67 -15.43 0.22
N TYR A 129 24.52 -16.54 -0.45
CA TYR A 129 25.27 -17.74 -0.03
C TYR A 129 26.76 -17.48 0.02
N LEU A 130 27.33 -16.95 -1.06
CA LEU A 130 28.81 -16.81 -1.14
C LEU A 130 29.38 -15.91 -0.06
N LEU A 131 28.61 -14.95 0.40
CA LEU A 131 29.04 -14.07 1.46
C LEU A 131 28.61 -14.50 2.88
N SER A 132 27.70 -15.47 3.02
CA SER A 132 27.20 -15.78 4.39
C SER A 132 27.05 -17.27 4.79
N GLN A 133 27.16 -18.15 3.79
CA GLN A 133 26.97 -19.62 3.90
C GLN A 133 25.56 -20.02 4.32
N ILE A 134 24.62 -19.11 4.13
CA ILE A 134 23.23 -19.31 4.50
C ILE A 134 22.49 -19.70 3.23
N THR A 135 21.86 -20.88 3.26
CA THR A 135 21.08 -21.40 2.14
C THR A 135 19.59 -21.14 2.34
N ASP A 136 19.14 -21.16 3.60
CA ASP A 136 17.75 -20.99 3.96
C ASP A 136 17.31 -19.58 3.66
N TYR A 137 16.27 -19.42 2.82
CA TYR A 137 15.83 -18.09 2.35
C TYR A 137 15.33 -17.16 3.48
N LYS A 138 14.55 -17.71 4.42
CA LYS A 138 13.97 -16.91 5.53
C LYS A 138 15.11 -16.40 6.46
N GLN A 139 15.92 -17.35 6.90
CA GLN A 139 17.16 -17.06 7.61
C GLN A 139 17.97 -15.96 6.92
N LEU A 140 18.24 -16.12 5.61
CA LEU A 140 19.00 -15.13 4.83
C LEU A 140 18.42 -13.74 4.82
N THR A 141 17.12 -13.64 4.52
CA THR A 141 16.41 -12.38 4.45
C THR A 141 16.23 -11.74 5.77
N ASP A 142 15.88 -12.51 6.82
CA ASP A 142 15.70 -11.95 8.18
C ASP A 142 16.97 -11.28 8.66
N MET A 143 18.08 -11.98 8.49
CA MET A 143 19.36 -11.51 8.91
C MET A 143 19.79 -10.22 8.22
N ALA A 144 19.43 -10.06 6.97
CA ALA A 144 19.80 -8.87 6.21
C ALA A 144 19.08 -7.61 6.68
N GLN A 145 17.90 -7.75 7.27
CA GLN A 145 17.18 -6.58 7.84
C GLN A 145 17.98 -5.98 9.00
N HIS A 146 18.74 -6.82 9.71
CA HIS A 146 19.61 -6.37 10.82
C HIS A 146 20.85 -5.55 10.37
N GLY A 147 21.07 -5.39 9.04
CA GLY A 147 22.34 -4.91 8.48
C GLY A 147 22.43 -3.42 8.23
N ASP A 148 23.65 -2.90 8.22
CA ASP A 148 23.98 -1.51 7.89
C ASP A 148 24.93 -1.51 6.65
N ARG A 149 24.55 -0.76 5.64
CA ARG A 149 25.32 -0.68 4.42
C ARG A 149 26.46 0.35 4.48
N ASN A 150 26.42 1.30 5.41
CA ASN A 150 27.30 2.50 5.36
C ASN A 150 28.83 2.22 5.25
N THR A 151 29.33 1.15 5.88
CA THR A 151 30.77 0.78 5.76
C THR A 151 31.07 0.08 4.44
N ILE A 152 30.04 -0.33 3.72
CA ILE A 152 30.16 -1.09 2.50
C ILE A 152 29.98 -0.15 1.27
N ASP A 153 28.96 0.70 1.27
CA ASP A 153 28.56 1.54 0.15
C ASP A 153 29.17 2.91 0.26
N LEU A 154 29.47 3.48 -0.90
CA LEU A 154 30.05 4.78 -1.03
C LEU A 154 29.01 5.69 -1.63
N LYS A 155 28.81 6.80 -0.95
CA LYS A 155 27.91 7.88 -1.32
C LYS A 155 28.61 8.97 -2.08
N VAL A 156 27.85 9.80 -2.74
CA VAL A 156 28.30 10.90 -3.52
C VAL A 156 29.06 11.95 -2.69
N ARG A 157 28.67 12.15 -1.44
CA ARG A 157 29.32 13.06 -0.54
C ARG A 157 30.68 12.55 -0.05
N HIS A 158 30.89 11.25 -0.11
CA HIS A 158 32.15 10.65 0.20
C HIS A 158 33.17 10.93 -0.84
N ILE A 159 32.73 11.08 -2.07
CA ILE A 159 33.54 11.37 -3.19
C ILE A 159 33.76 12.86 -3.34
N TYR A 160 32.71 13.65 -3.21
CA TYR A 160 32.80 15.12 -3.34
C TYR A 160 33.22 15.83 -2.07
N LYS A 161 33.29 15.14 -0.95
CA LYS A 161 33.85 15.67 0.31
C LYS A 161 33.08 16.91 0.75
N ASP A 162 33.78 18.06 0.80
CA ASP A 162 33.24 19.34 1.26
C ASP A 162 32.84 20.27 0.12
N THR A 163 32.95 19.78 -1.10
CA THR A 163 32.48 20.52 -2.27
C THR A 163 31.07 20.09 -2.64
N GLU A 164 30.42 20.97 -3.39
CA GLU A 164 29.03 20.78 -3.83
C GLU A 164 28.93 19.70 -4.94
N PRO A 165 28.19 18.60 -4.67
CA PRO A 165 28.08 17.55 -5.71
C PRO A 165 27.16 17.91 -6.87
N PRO A 166 27.41 17.35 -8.05
CA PRO A 166 26.54 17.54 -9.21
C PRO A 166 25.23 16.74 -9.16
N ILE A 167 25.11 15.83 -8.20
CA ILE A 167 23.86 15.15 -7.88
C ILE A 167 23.79 15.02 -6.37
N PRO A 168 22.59 14.85 -5.80
CA PRO A 168 22.55 14.92 -4.33
C PRO A 168 23.48 13.93 -3.60
N GLY A 169 24.14 14.46 -2.56
CA GLY A 169 25.26 13.82 -1.81
C GLY A 169 24.89 12.55 -1.09
N ASP A 170 23.64 12.41 -0.67
CA ASP A 170 23.21 11.17 0.03
C ASP A 170 23.03 9.93 -0.92
N LEU A 171 23.06 10.16 -2.24
CA LEU A 171 22.86 9.08 -3.19
C LEU A 171 24.04 8.11 -3.14
N THR A 172 23.78 6.86 -3.50
CA THR A 172 24.82 5.84 -3.62
C THR A 172 25.63 6.16 -4.86
N ALA A 173 26.92 6.36 -4.67
CA ALA A 173 27.81 6.58 -5.77
C ALA A 173 28.35 5.26 -6.27
N ALA A 174 28.59 4.31 -5.36
CA ALA A 174 29.32 3.07 -5.65
C ALA A 174 28.98 1.99 -4.63
N ASN A 175 28.15 1.06 -5.07
CA ASN A 175 27.80 -0.11 -4.27
C ASN A 175 29.08 -0.88 -3.97
N PHE A 176 29.29 -1.25 -2.71
CA PHE A 176 30.56 -1.89 -2.23
C PHE A 176 31.79 -1.01 -2.42
N GLY A 177 31.59 0.26 -2.75
CA GLY A 177 32.71 1.16 -3.00
C GLY A 177 33.38 1.73 -1.77
N HIS A 178 32.94 1.40 -0.57
CA HIS A 178 33.53 1.86 0.67
C HIS A 178 34.31 0.74 1.37
N VAL A 179 34.03 -0.50 0.98
CA VAL A 179 34.69 -1.68 1.56
C VAL A 179 36.19 -1.47 1.76
N LEU A 180 36.89 -0.99 0.74
CA LEU A 180 38.35 -0.74 0.86
C LEU A 180 38.78 0.45 1.77
N HIS A 181 37.86 1.30 2.20
CA HIS A 181 38.15 2.33 3.22
C HIS A 181 37.96 1.84 4.65
N HIS A 182 37.57 0.58 4.81
CA HIS A 182 37.18 0.01 6.08
C HIS A 182 37.82 -1.36 6.23
N LEU A 183 39.04 -1.55 5.75
CA LEU A 183 39.67 -2.89 5.91
C LEU A 183 40.05 -3.28 7.35
N ASP A 184 40.03 -2.31 8.28
CA ASP A 184 40.10 -2.60 9.72
C ASP A 184 38.89 -3.41 10.18
N ALA A 185 37.78 -3.24 9.46
CA ALA A 185 36.49 -3.88 9.75
C ALA A 185 36.39 -5.40 9.70
N ASP A 186 35.31 -5.86 10.32
CA ASP A 186 34.85 -7.24 10.19
C ASP A 186 34.19 -7.48 8.81
N PHE A 187 33.14 -6.69 8.50
CA PHE A 187 32.12 -7.01 7.45
C PHE A 187 31.26 -8.22 7.87
N THR A 188 30.19 -7.89 8.58
CA THR A 188 29.39 -8.89 9.27
C THR A 188 28.45 -9.46 8.26
N PRO A 189 28.07 -10.74 8.38
CA PRO A 189 27.14 -11.34 7.42
C PRO A 189 25.87 -10.54 7.19
N SER A 190 25.35 -9.91 8.23
CA SER A 190 24.19 -9.03 8.09
C SER A 190 24.43 -7.82 7.20
N ASN A 191 25.58 -7.18 7.37
CA ASN A 191 25.92 -5.94 6.66
C ASN A 191 26.11 -6.25 5.17
N LYS A 192 26.79 -7.35 4.94
CA LYS A 192 27.08 -7.76 3.61
C LYS A 192 25.79 -8.07 2.89
N LEU A 193 24.91 -8.78 3.56
CA LEU A 193 23.64 -9.15 2.95
C LEU A 193 22.74 -7.93 2.64
N ALA A 194 22.75 -6.91 3.51
CA ALA A 194 21.98 -5.68 3.23
C ALA A 194 22.51 -4.96 1.97
N ALA A 195 23.81 -5.04 1.76
CA ALA A 195 24.48 -4.42 0.61
C ALA A 195 24.16 -5.16 -0.71
N VAL A 196 24.08 -6.47 -0.65
CA VAL A 196 23.59 -7.28 -1.78
C VAL A 196 22.20 -6.85 -2.22
N ILE A 197 21.27 -6.84 -1.28
CA ILE A 197 19.91 -6.42 -1.52
C ILE A 197 19.86 -4.96 -1.96
N GLY A 198 20.66 -4.13 -1.27
CA GLY A 198 20.92 -2.74 -1.68
C GLY A 198 21.20 -2.66 -3.18
N VAL A 199 22.20 -3.39 -3.66
CA VAL A 199 22.62 -3.23 -5.04
C VAL A 199 21.54 -3.75 -6.00
N VAL A 200 20.97 -4.89 -5.65
CA VAL A 200 19.84 -5.46 -6.44
C VAL A 200 18.62 -4.53 -6.58
N GLY A 201 18.20 -3.91 -5.49
CA GLY A 201 17.08 -2.98 -5.50
C GLY A 201 17.38 -1.72 -6.26
N GLU A 202 18.59 -1.20 -6.12
CA GLU A 202 18.96 0.05 -6.81
C GLU A 202 19.04 -0.18 -8.29
N VAL A 203 19.63 -1.30 -8.71
CA VAL A 203 19.71 -1.58 -10.14
C VAL A 203 18.33 -1.76 -10.76
N VAL A 204 17.54 -2.65 -10.19
CA VAL A 204 16.16 -2.82 -10.62
C VAL A 204 15.39 -1.46 -10.73
N THR A 205 15.40 -0.70 -9.66
CA THR A 205 14.70 0.59 -9.64
C THR A 205 15.24 1.55 -10.69
N THR A 206 16.56 1.59 -10.84
CA THR A 206 17.22 2.46 -11.87
C THR A 206 16.76 2.16 -13.29
N MET A 207 16.81 0.89 -13.66
CA MET A 207 16.32 0.45 -14.96
C MET A 207 14.83 0.81 -15.12
N ALA A 208 14.07 0.65 -14.04
CA ALA A 208 12.62 0.86 -14.08
C ALA A 208 12.21 2.34 -14.30
N ILE A 209 12.85 3.27 -13.58
CA ILE A 209 12.65 4.69 -13.80
C ILE A 209 13.17 5.05 -15.19
N THR A 210 14.22 4.37 -15.62
CA THR A 210 14.76 4.69 -16.95
C THR A 210 13.75 4.42 -18.06
N VAL A 211 13.23 3.21 -18.11
CA VAL A 211 12.22 2.88 -19.08
C VAL A 211 10.88 3.60 -18.83
N ALA A 212 10.58 3.97 -17.58
CA ALA A 212 9.41 4.78 -17.26
C ALA A 212 9.44 6.09 -18.04
N ARG A 213 10.58 6.75 -17.96
CA ARG A 213 10.87 7.96 -18.71
C ARG A 213 10.85 7.70 -20.24
N GLU A 214 11.46 6.62 -20.68
CA GLU A 214 11.49 6.33 -22.10
C GLU A 214 10.06 6.20 -22.63
N PHE A 215 9.17 5.56 -21.89
CA PHE A 215 7.81 5.27 -22.35
C PHE A 215 6.77 6.16 -21.74
N LYS A 216 7.25 7.27 -21.18
CA LYS A 216 6.42 8.37 -20.74
C LYS A 216 5.30 7.91 -19.85
N THR A 217 5.59 7.06 -18.87
CA THR A 217 4.66 6.83 -17.75
C THR A 217 5.43 7.16 -16.51
N GLU A 218 4.69 7.49 -15.45
CA GLU A 218 5.29 7.75 -14.17
C GLU A 218 4.89 6.70 -13.13
N ASN A 219 4.14 5.69 -13.57
CA ASN A 219 3.71 4.60 -12.66
C ASN A 219 4.58 3.37 -12.81
N ILE A 220 5.08 2.86 -11.69
CA ILE A 220 5.91 1.65 -11.73
C ILE A 220 5.33 0.64 -10.78
N VAL A 221 4.95 -0.51 -11.34
CA VAL A 221 4.40 -1.60 -10.54
C VAL A 221 5.40 -2.73 -10.36
N TYR A 222 5.83 -2.93 -9.14
CA TYR A 222 6.71 -4.04 -8.76
C TYR A 222 5.98 -5.35 -8.34
N ILE A 223 6.44 -6.47 -8.88
CA ILE A 223 5.92 -7.81 -8.55
C ILE A 223 7.05 -8.81 -8.51
N GLY A 224 6.73 -10.03 -8.11
CA GLY A 224 7.68 -11.13 -7.96
C GLY A 224 7.78 -11.46 -6.48
N SER A 225 8.23 -12.66 -6.20
CA SER A 225 8.29 -13.16 -4.87
C SER A 225 9.49 -12.58 -4.11
N SER A 226 10.43 -11.98 -4.81
CA SER A 226 11.65 -11.43 -4.21
C SER A 226 11.38 -10.43 -3.10
N PHE A 227 10.18 -9.84 -3.09
CA PHE A 227 9.73 -8.92 -2.02
C PHE A 227 9.19 -9.59 -0.74
N HIS A 228 8.83 -10.88 -0.84
CA HIS A 228 8.22 -11.62 0.26
C HIS A 228 9.24 -11.85 1.32
N ASN A 229 8.88 -11.46 2.54
CA ASN A 229 9.78 -11.46 3.72
C ASN A 229 11.05 -10.57 3.57
N ASN A 230 11.02 -9.60 2.67
CA ASN A 230 12.14 -8.70 2.45
C ASN A 230 11.71 -7.24 2.45
N ALA A 231 11.50 -6.72 3.65
CA ALA A 231 11.12 -5.33 3.86
C ALA A 231 12.19 -4.39 3.31
N LEU A 232 13.46 -4.79 3.48
CA LEU A 232 14.62 -4.01 3.00
C LEU A 232 14.56 -3.72 1.52
N LEU A 233 14.41 -4.80 0.73
CA LEU A 233 14.27 -4.67 -0.75
C LEU A 233 13.11 -3.75 -1.13
N ARG A 234 11.99 -3.94 -0.48
CA ARG A 234 10.76 -3.18 -0.75
C ARG A 234 10.99 -1.72 -0.37
N LYS A 235 11.69 -1.49 0.73
CA LYS A 235 12.09 -0.12 1.11
C LYS A 235 13.01 0.54 0.08
N VAL A 236 14.09 -0.15 -0.25
CA VAL A 236 15.10 0.36 -1.21
C VAL A 236 14.44 0.79 -2.51
N VAL A 237 13.61 -0.09 -3.03
CA VAL A 237 12.92 0.15 -4.30
C VAL A 237 11.94 1.29 -4.19
N GLU A 238 11.09 1.25 -3.18
CA GLU A 238 10.11 2.32 -2.95
C GLU A 238 10.70 3.71 -2.78
N ASP A 239 11.67 3.85 -1.88
CA ASP A 239 12.27 5.16 -1.60
C ASP A 239 12.88 5.76 -2.87
N TYR A 240 13.71 4.99 -3.58
CA TYR A 240 14.33 5.53 -4.76
C TYR A 240 13.35 5.78 -5.92
N THR A 241 12.25 5.02 -5.99
CA THR A 241 11.25 5.26 -7.06
C THR A 241 10.65 6.65 -6.82
N VAL A 242 10.23 6.88 -5.58
CA VAL A 242 9.70 8.21 -5.17
C VAL A 242 10.74 9.32 -5.33
N LEU A 243 11.97 9.08 -4.88
CA LEU A 243 13.04 10.09 -4.96
C LEU A 243 13.22 10.61 -6.39
N ARG A 244 13.06 9.74 -7.39
CA ARG A 244 13.15 10.11 -8.81
C ARG A 244 11.83 10.52 -9.48
N GLY A 245 10.78 10.74 -8.68
CA GLY A 245 9.51 11.33 -9.18
C GLY A 245 8.58 10.37 -9.90
N CYS A 246 8.58 9.11 -9.47
CA CYS A 246 7.74 8.06 -10.04
C CYS A 246 6.88 7.55 -8.91
N LYS A 247 5.77 6.91 -9.24
CA LYS A 247 4.91 6.32 -8.21
C LYS A 247 5.02 4.78 -8.18
N PRO A 248 5.57 4.24 -7.08
CA PRO A 248 5.65 2.81 -6.97
C PRO A 248 4.35 2.21 -6.45
N TYR A 249 4.05 1.01 -6.94
CA TYR A 249 2.93 0.22 -6.45
C TYR A 249 3.38 -1.21 -6.26
N TYR A 250 3.05 -1.74 -5.08
CA TYR A 250 3.05 -3.19 -4.77
C TYR A 250 1.62 -3.70 -4.72
N VAL A 251 1.41 -4.95 -5.07
CA VAL A 251 0.05 -5.44 -5.15
C VAL A 251 -0.07 -6.75 -4.33
N GLU A 252 -1.17 -6.87 -3.56
CA GLU A 252 -1.49 -8.10 -2.81
C GLU A 252 -1.50 -9.29 -3.82
N ASN A 253 -0.73 -10.32 -3.48
CA ASN A 253 -0.53 -11.52 -4.30
C ASN A 253 0.09 -11.21 -5.66
N GLY A 254 0.94 -10.17 -5.71
CA GLY A 254 1.69 -9.77 -6.89
C GLY A 254 2.45 -10.90 -7.57
N ALA A 255 3.10 -11.70 -6.76
CA ALA A 255 3.83 -12.89 -7.21
C ALA A 255 3.03 -13.98 -7.94
N PHE A 256 1.72 -13.94 -7.87
CA PHE A 256 0.85 -14.87 -8.57
C PHE A 256 0.21 -14.24 -9.82
N SER A 257 0.63 -13.03 -10.18
CA SER A 257 0.16 -12.42 -11.39
C SER A 257 0.15 -13.40 -12.53
N GLY A 258 1.26 -14.11 -12.69
CA GLY A 258 1.40 -15.14 -13.73
C GLY A 258 0.36 -16.25 -13.69
N ALA A 259 0.16 -16.82 -12.51
CA ALA A 259 -0.75 -17.98 -12.31
C ALA A 259 -2.18 -17.56 -12.55
N ILE A 260 -2.54 -16.37 -12.07
CA ILE A 260 -3.85 -15.73 -12.32
C ILE A 260 -4.12 -15.51 -13.79
N GLY A 261 -3.19 -14.81 -14.43
CA GLY A 261 -3.26 -14.48 -15.81
C GLY A 261 -3.53 -15.67 -16.68
N ALA A 262 -2.80 -16.78 -16.44
CA ALA A 262 -2.95 -18.00 -17.24
C ALA A 262 -4.38 -18.52 -17.21
N LEU A 263 -5.03 -18.42 -16.05
CA LEU A 263 -6.44 -18.77 -15.92
C LEU A 263 -7.37 -17.95 -16.78
N TYR A 264 -7.06 -16.67 -16.93
CA TYR A 264 -7.93 -15.76 -17.66
C TYR A 264 -7.43 -15.42 -19.05
N LEU A 265 -6.41 -16.14 -19.52
CA LEU A 265 -6.06 -16.19 -20.96
C LEU A 265 -6.82 -17.38 -21.64
N GLU A 266 -7.16 -18.39 -20.84
CA GLU A 266 -8.19 -19.39 -21.22
C GLU A 266 -9.56 -18.78 -20.95
N MET B 1 54.19 25.46 -18.21
CA MET B 1 53.21 24.38 -18.53
C MET B 1 51.81 24.55 -17.97
N LYS B 2 50.88 23.85 -18.59
CA LYS B 2 49.48 23.81 -18.18
C LYS B 2 49.12 22.41 -17.66
N VAL B 3 48.33 22.38 -16.58
CA VAL B 3 47.99 21.14 -15.91
C VAL B 3 46.44 21.02 -15.76
N GLY B 4 45.94 19.83 -16.08
CA GLY B 4 44.53 19.46 -15.92
C GLY B 4 44.49 18.19 -15.07
N ILE B 5 43.71 18.22 -14.00
CA ILE B 5 43.63 17.14 -13.04
C ILE B 5 42.20 16.78 -12.82
N ASP B 6 41.87 15.49 -12.95
CA ASP B 6 40.52 14.97 -12.62
C ASP B 6 40.75 14.11 -11.39
N ALA B 7 40.32 14.62 -10.24
CA ALA B 7 40.59 13.96 -8.98
C ALA B 7 39.35 13.18 -8.59
N GLY B 8 39.36 11.89 -8.89
CA GLY B 8 38.22 11.00 -8.58
C GLY B 8 38.09 10.35 -7.19
N GLY B 9 37.07 9.53 -7.10
CA GLY B 9 36.84 8.73 -5.92
C GLY B 9 38.02 7.80 -5.64
N THR B 10 38.63 7.23 -6.68
CA THR B 10 39.72 6.27 -6.50
C THR B 10 41.04 6.70 -7.13
N LEU B 11 41.01 7.31 -8.30
CA LEU B 11 42.23 7.72 -8.98
C LEU B 11 42.25 9.24 -9.34
N ILE B 12 43.48 9.79 -9.34
CA ILE B 12 43.73 11.15 -9.79
C ILE B 12 44.43 11.07 -11.12
N LYS B 13 43.82 11.67 -12.14
CA LYS B 13 44.32 11.63 -13.51
C LYS B 13 44.90 13.02 -13.80
N ILE B 14 46.18 13.05 -14.17
CA ILE B 14 46.94 14.26 -14.39
C ILE B 14 47.28 14.32 -15.84
N VAL B 15 47.06 15.49 -16.45
CA VAL B 15 47.53 15.78 -17.80
C VAL B 15 48.42 17.03 -17.78
N GLN B 16 49.65 16.90 -18.22
CA GLN B 16 50.55 18.05 -18.42
C GLN B 16 50.69 18.39 -19.88
N GLU B 17 50.61 19.68 -20.19
CA GLU B 17 50.87 20.18 -21.54
C GLU B 17 52.01 21.17 -21.51
N GLN B 18 53.03 20.86 -22.30
CA GLN B 18 54.02 21.80 -22.80
C GLN B 18 54.06 21.64 -24.31
N ASP B 19 53.70 22.70 -25.05
CA ASP B 19 53.55 22.67 -26.52
C ASP B 19 52.19 22.06 -26.88
N GLN B 21 51.76 18.90 -26.90
CA GLN B 21 52.45 17.73 -26.32
C GLN B 21 52.00 17.40 -24.89
N ARG B 22 51.24 16.33 -24.72
CA ARG B 22 50.78 16.00 -23.39
C ARG B 22 51.38 14.77 -22.77
N THR B 23 51.41 14.80 -21.45
CA THR B 23 51.91 13.73 -20.62
C THR B 23 50.72 13.28 -19.78
N PHE B 24 50.60 11.96 -19.57
CA PHE B 24 49.51 11.35 -18.81
C PHE B 24 50.12 10.64 -17.62
N LYS B 25 49.56 10.84 -16.45
CA LYS B 25 50.10 10.26 -15.25
C LYS B 25 48.92 10.06 -14.34
N THR B 26 49.00 8.97 -13.58
CA THR B 26 47.93 8.61 -12.65
C THR B 26 48.46 8.35 -11.24
N GLU B 27 47.66 8.67 -10.23
CA GLU B 27 48.06 8.44 -8.86
C GLU B 27 46.82 8.08 -8.10
N LEU B 28 47.01 7.40 -6.97
CA LEU B 28 45.87 6.99 -6.15
C LEU B 28 45.33 8.23 -5.40
N THR B 29 44.01 8.29 -5.27
CA THR B 29 43.35 9.30 -4.47
C THR B 29 43.90 9.23 -3.03
N LYS B 30 43.99 8.02 -2.51
CA LYS B 30 44.82 7.66 -1.35
C LYS B 30 46.07 8.54 -1.10
N ASN B 31 46.91 8.69 -2.12
CA ASN B 31 48.14 9.48 -2.09
C ASN B 31 47.98 10.95 -2.62
N ILE B 32 46.77 11.49 -2.51
CA ILE B 32 46.49 12.88 -2.89
C ILE B 32 47.52 13.87 -2.32
N ASP B 33 48.01 13.62 -1.10
CA ASP B 33 49.10 14.42 -0.47
C ASP B 33 50.31 14.60 -1.38
N GLN B 34 50.76 13.50 -2.00
CA GLN B 34 51.93 13.62 -2.86
C GLN B 34 51.63 14.34 -4.21
N VAL B 35 50.39 14.30 -4.68
CA VAL B 35 49.99 15.16 -5.80
C VAL B 35 50.05 16.67 -5.45
N VAL B 36 49.52 17.01 -4.29
CA VAL B 36 49.59 18.38 -3.76
C VAL B 36 51.04 18.88 -3.59
N GLU B 37 51.91 18.02 -3.09
CA GLU B 37 53.33 18.35 -2.93
C GLU B 37 53.97 18.69 -4.28
N TRP B 38 53.62 17.88 -5.27
CA TRP B 38 54.15 18.00 -6.62
C TRP B 38 53.67 19.31 -7.34
N LEU B 39 52.41 19.66 -7.17
CA LEU B 39 51.84 20.89 -7.69
C LEU B 39 52.53 22.11 -7.06
N ASN B 40 52.81 22.02 -5.75
CA ASN B 40 53.36 23.13 -5.01
C ASN B 40 54.80 23.50 -5.34
N GLN B 41 55.58 22.54 -5.82
CA GLN B 41 57.00 22.80 -6.15
C GLN B 41 57.22 23.21 -7.61
N GLN B 42 56.14 23.17 -8.39
CA GLN B 42 56.15 23.32 -9.83
C GLN B 42 55.67 24.72 -10.26
N GLN B 43 56.37 25.34 -11.21
CA GLN B 43 55.82 26.53 -11.88
C GLN B 43 54.80 26.17 -12.96
N ILE B 44 53.58 26.69 -12.79
CA ILE B 44 52.42 26.29 -13.60
C ILE B 44 51.77 27.55 -14.11
N GLU B 45 51.65 27.65 -15.42
CA GLU B 45 50.97 28.74 -16.10
C GLU B 45 49.45 28.66 -15.90
N LYS B 46 48.91 27.45 -15.92
CA LYS B 46 47.47 27.27 -15.74
C LYS B 46 47.10 25.89 -15.21
N LEU B 47 46.44 25.90 -14.05
CA LEU B 47 45.94 24.72 -13.38
C LEU B 47 44.42 24.60 -13.41
N CYS B 48 43.93 23.51 -14.00
CA CYS B 48 42.50 23.24 -14.10
C CYS B 48 42.11 21.98 -13.39
N LEU B 49 41.08 22.10 -12.58
CA LEU B 49 40.69 20.99 -11.74
C LEU B 49 39.24 20.58 -11.98
N THR B 50 39.02 19.30 -11.83
CA THR B 50 37.70 18.70 -11.85
C THR B 50 37.67 17.44 -10.99
N GLY B 51 36.46 16.93 -10.76
CA GLY B 51 36.21 15.71 -9.99
C GLY B 51 35.92 16.00 -8.52
N GLY B 52 35.48 14.98 -7.81
CA GLY B 52 35.03 15.12 -6.43
C GLY B 52 36.06 15.62 -5.43
N ASN B 53 37.33 15.37 -5.73
CA ASN B 53 38.42 15.70 -4.85
C ASN B 53 39.20 16.92 -5.39
N ALA B 54 38.63 17.65 -6.32
CA ALA B 54 39.22 18.92 -6.75
C ALA B 54 39.34 19.90 -5.59
N GLY B 55 38.32 19.91 -4.72
CA GLY B 55 38.30 20.78 -3.54
C GLY B 55 39.43 20.50 -2.58
N VAL B 56 39.65 19.21 -2.32
CA VAL B 56 40.71 18.77 -1.42
C VAL B 56 42.07 19.22 -1.97
N ILE B 57 42.20 19.17 -3.29
CA ILE B 57 43.38 19.64 -3.96
C ILE B 57 43.55 21.17 -3.81
N ALA B 58 42.55 21.91 -4.27
CA ALA B 58 42.51 23.38 -4.24
C ALA B 58 42.84 24.00 -2.84
N GLU B 59 42.21 23.48 -1.78
CA GLU B 59 42.43 23.98 -0.41
C GLU B 59 43.78 23.55 0.26
N ASN B 60 44.61 22.77 -0.45
CA ASN B 60 45.93 22.41 0.04
C ASN B 60 47.05 22.87 -0.87
N ILE B 61 46.74 23.38 -2.05
CA ILE B 61 47.79 23.94 -2.89
C ILE B 61 48.02 25.42 -2.55
N ASN B 62 49.23 25.87 -2.84
CA ASN B 62 49.68 27.22 -2.50
C ASN B 62 49.69 28.12 -3.78
N ILE B 63 48.77 27.84 -4.72
CA ILE B 63 48.61 28.60 -5.97
C ILE B 63 47.11 28.56 -6.33
N PRO B 64 46.64 29.50 -7.19
CA PRO B 64 45.23 29.45 -7.59
C PRO B 64 44.91 28.28 -8.54
N ALA B 65 43.62 28.00 -8.74
CA ALA B 65 43.15 26.93 -9.64
C ALA B 65 41.69 27.10 -10.08
N GLN B 66 41.43 27.02 -11.38
CA GLN B 66 40.05 27.00 -11.88
C GLN B 66 39.50 25.59 -11.76
N ILE B 67 38.23 25.53 -11.39
CA ILE B 67 37.54 24.31 -11.09
C ILE B 67 36.34 24.19 -12.03
N PHE B 68 36.34 23.13 -12.82
CA PHE B 68 35.27 22.87 -13.78
C PHE B 68 34.47 21.67 -13.35
N VAL B 69 33.24 21.60 -13.82
CA VAL B 69 32.33 20.52 -13.42
C VAL B 69 32.59 19.25 -14.25
N GLU B 70 32.62 18.08 -13.60
CA GLU B 70 33.20 16.88 -14.21
C GLU B 70 32.48 16.37 -15.45
N PHE B 71 31.17 16.50 -15.47
CA PHE B 71 30.39 16.02 -16.60
C PHE B 71 30.67 16.82 -17.85
N ASP B 72 30.77 18.14 -17.72
CA ASP B 72 31.13 19.00 -18.87
C ASP B 72 32.57 18.74 -19.37
N ALA B 73 33.48 18.65 -18.42
CA ALA B 73 34.86 18.44 -18.73
C ALA B 73 35.07 17.10 -19.45
N ALA B 74 34.52 16.04 -18.87
CA ALA B 74 34.57 14.67 -19.45
C ALA B 74 34.05 14.64 -20.85
N SER B 75 32.90 15.24 -21.08
CA SER B 75 32.33 15.43 -22.44
C SER B 75 33.25 16.14 -23.41
N GLN B 76 33.91 17.17 -22.91
CA GLN B 76 34.74 18.02 -23.78
C GLN B 76 36.02 17.29 -24.18
N GLY B 77 36.69 16.74 -23.18
CA GLY B 77 37.87 15.90 -23.43
C GLY B 77 37.65 14.65 -24.29
N LEU B 78 36.46 14.06 -24.18
CA LEU B 78 36.11 12.88 -24.93
C LEU B 78 35.97 13.27 -26.40
N GLY B 79 35.21 14.34 -26.67
CA GLY B 79 35.07 14.90 -28.02
C GLY B 79 36.41 15.11 -28.68
N ILE B 80 37.33 15.73 -27.94
CA ILE B 80 38.70 15.96 -28.39
C ILE B 80 39.45 14.64 -28.68
N LEU B 81 39.40 13.71 -27.74
CA LEU B 81 40.08 12.42 -27.91
C LEU B 81 39.50 11.60 -29.09
N LEU B 82 38.18 11.55 -29.22
CA LEU B 82 37.53 10.85 -30.36
C LEU B 82 38.00 11.34 -31.73
N LYS B 83 38.04 12.67 -31.86
CA LYS B 83 38.53 13.37 -33.05
C LYS B 83 40.00 13.05 -33.34
N GLU B 84 40.86 13.21 -32.36
CA GLU B 84 42.25 12.82 -32.51
C GLU B 84 42.45 11.36 -32.92
N GLN B 85 41.58 10.47 -32.46
CA GLN B 85 41.59 9.05 -32.81
C GLN B 85 40.67 8.71 -33.98
N GLY B 86 40.35 9.70 -34.81
CA GLY B 86 39.81 9.44 -36.13
C GLY B 86 38.36 9.06 -36.20
N HIS B 87 37.58 9.38 -35.17
CA HIS B 87 36.14 9.17 -35.15
C HIS B 87 35.35 10.41 -35.50
N ASP B 88 34.24 10.22 -36.23
CA ASP B 88 33.26 11.29 -36.46
C ASP B 88 31.85 10.79 -36.16
N LEU B 89 31.49 10.85 -34.88
CA LEU B 89 30.20 10.39 -34.44
C LEU B 89 29.35 11.65 -34.32
N ALA B 90 28.26 11.69 -35.08
CA ALA B 90 27.34 12.82 -35.02
C ALA B 90 26.68 12.90 -33.60
N ASP B 91 26.38 11.74 -33.01
CA ASP B 91 25.94 11.65 -31.60
C ASP B 91 26.33 10.30 -30.97
N TYR B 92 26.11 10.21 -29.66
CA TYR B 92 26.43 9.00 -28.90
C TYR B 92 26.02 9.07 -27.47
N ILE B 93 25.85 7.90 -26.87
CA ILE B 93 25.82 7.74 -25.43
C ILE B 93 27.29 7.69 -24.99
N PHE B 94 27.64 8.33 -23.87
CA PHE B 94 28.86 7.92 -23.15
C PHE B 94 28.64 7.47 -21.73
N ALA B 95 29.46 6.50 -21.37
CA ALA B 95 29.33 5.75 -20.15
C ALA B 95 30.64 5.90 -19.50
N ASN B 96 30.65 6.80 -18.53
CA ASN B 96 31.82 7.02 -17.72
C ASN B 96 31.90 6.07 -16.54
N VAL B 97 32.69 5.01 -16.69
CA VAL B 97 32.68 3.89 -15.73
C VAL B 97 33.81 4.03 -14.73
N GLY B 98 33.56 4.77 -13.66
CA GLY B 98 34.61 5.07 -12.66
C GLY B 98 34.50 4.23 -11.40
N THR B 99 34.57 4.91 -10.25
CA THR B 99 34.31 4.25 -8.99
C THR B 99 32.87 3.79 -9.01
N GLY B 100 32.03 4.69 -9.52
CA GLY B 100 30.65 4.44 -9.92
C GLY B 100 30.42 4.85 -11.38
N THR B 101 29.28 4.45 -11.93
CA THR B 101 28.97 4.73 -13.35
C THR B 101 27.99 5.88 -13.59
N SER B 102 28.37 6.75 -14.52
CA SER B 102 27.51 7.84 -14.97
C SER B 102 27.30 7.79 -16.47
N LEU B 103 26.07 7.99 -16.93
CA LEU B 103 25.70 7.84 -18.36
C LEU B 103 25.22 9.12 -18.95
N HIS B 104 25.70 9.45 -20.14
CA HIS B 104 25.39 10.72 -20.78
C HIS B 104 24.93 10.52 -22.20
N TYR B 105 24.11 11.43 -22.69
CA TYR B 105 23.77 11.50 -24.09
C TYR B 105 24.41 12.75 -24.62
N PHE B 106 25.21 12.58 -25.68
CA PHE B 106 25.84 13.68 -26.39
C PHE B 106 25.16 13.79 -27.77
N ASP B 107 24.54 14.95 -28.04
CA ASP B 107 23.74 15.14 -29.28
C ASP B 107 24.48 15.76 -30.47
N GLY B 108 25.79 15.92 -30.36
CA GLY B 108 26.61 16.62 -31.34
C GLY B 108 27.16 17.97 -30.87
N GLN B 109 26.43 18.64 -29.98
CA GLN B 109 26.83 19.96 -29.46
C GLN B 109 27.07 19.94 -27.96
N SER B 110 26.21 19.26 -27.20
CA SER B 110 26.45 19.13 -25.76
C SER B 110 25.92 17.83 -25.13
N GLN B 111 26.33 17.62 -23.87
CA GLN B 111 25.91 16.47 -23.07
C GLN B 111 24.81 16.77 -22.06
N ARG B 112 23.99 15.75 -21.88
CA ARG B 112 23.03 15.66 -20.85
C ARG B 112 23.37 14.40 -20.06
N ARG B 113 23.30 14.46 -18.73
CA ARG B 113 23.22 13.23 -17.92
C ARG B 113 21.86 12.61 -18.07
N VAL B 114 21.82 11.34 -18.46
CA VAL B 114 20.58 10.56 -18.63
C VAL B 114 20.46 9.42 -17.63
N GLY B 115 21.51 9.18 -16.87
CA GLY B 115 21.40 8.37 -15.66
C GLY B 115 22.70 7.95 -15.04
N GLY B 116 22.61 7.05 -14.09
CA GLY B 116 23.79 6.55 -13.42
C GLY B 116 23.49 5.36 -12.58
N ILE B 117 24.53 4.70 -12.11
CA ILE B 117 24.38 3.50 -11.33
C ILE B 117 25.66 3.25 -10.55
N GLY B 118 25.52 2.74 -9.33
CA GLY B 118 26.67 2.45 -8.49
C GLY B 118 27.35 1.12 -8.77
N THR B 119 27.09 0.51 -9.94
CA THR B 119 27.84 -0.69 -10.40
C THR B 119 28.94 -0.25 -11.28
N GLY B 120 30.16 -0.51 -10.88
CA GLY B 120 31.31 0.12 -11.52
C GLY B 120 32.60 -0.35 -10.91
N GLY B 121 33.68 0.35 -11.19
CA GLY B 121 35.00 -0.02 -10.70
C GLY B 121 35.07 -0.22 -9.21
N GLY B 122 34.40 0.65 -8.47
CA GLY B 122 34.35 0.56 -7.01
C GLY B 122 33.75 -0.78 -6.52
N MET B 123 32.73 -1.31 -7.23
CA MET B 123 32.06 -2.59 -6.85
C MET B 123 32.95 -3.79 -7.14
N ILE B 124 33.55 -3.80 -8.32
CA ILE B 124 34.61 -4.78 -8.64
C ILE B 124 35.63 -4.92 -7.45
N GLN B 125 36.19 -3.79 -7.05
CA GLN B 125 37.18 -3.76 -5.98
C GLN B 125 36.66 -4.25 -4.62
N GLY B 126 35.50 -3.75 -4.23
CA GLY B 126 34.88 -4.00 -2.93
C GLY B 126 34.18 -5.33 -2.83
N LEU B 127 33.32 -5.65 -3.78
CA LEU B 127 32.70 -6.98 -3.73
C LEU B 127 33.77 -8.05 -4.05
N GLY B 128 34.74 -7.70 -4.88
CA GLY B 128 35.78 -8.68 -5.21
C GLY B 128 36.73 -8.90 -4.05
N TYR B 129 36.91 -7.88 -3.22
CA TYR B 129 37.59 -8.05 -1.96
C TYR B 129 36.77 -8.96 -1.04
N LEU B 130 35.47 -8.73 -0.92
CA LEU B 130 34.67 -9.58 -0.06
C LEU B 130 34.65 -11.05 -0.51
N LEU B 131 34.76 -11.33 -1.80
CA LEU B 131 34.71 -12.69 -2.24
C LEU B 131 36.08 -13.37 -2.25
N SER B 132 37.14 -12.61 -2.03
CA SER B 132 38.48 -13.14 -2.31
C SER B 132 39.60 -12.70 -1.36
N GLN B 133 39.38 -11.59 -0.65
CA GLN B 133 40.30 -11.04 0.30
C GLN B 133 41.49 -10.36 -0.39
N ILE B 134 41.53 -10.36 -1.72
CA ILE B 134 42.55 -9.63 -2.51
C ILE B 134 42.27 -8.12 -2.54
N THR B 135 43.26 -7.33 -2.15
CA THR B 135 43.13 -5.88 -2.16
C THR B 135 43.87 -5.21 -3.30
N ASP B 136 44.93 -5.83 -3.78
CA ASP B 136 45.73 -5.27 -4.84
C ASP B 136 44.94 -5.39 -6.16
N TYR B 137 44.82 -4.27 -6.86
CA TYR B 137 43.94 -4.15 -8.01
C TYR B 137 44.41 -4.95 -9.24
N LYS B 138 45.71 -4.91 -9.48
CA LYS B 138 46.34 -5.64 -10.58
C LYS B 138 46.00 -7.13 -10.47
N GLN B 139 46.08 -7.59 -9.22
CA GLN B 139 45.97 -8.96 -8.83
C GLN B 139 44.53 -9.49 -8.88
N LEU B 140 43.64 -8.65 -8.36
CA LEU B 140 42.22 -8.87 -8.36
C LEU B 140 41.68 -9.06 -9.76
N THR B 141 41.99 -8.10 -10.64
CA THR B 141 41.55 -8.11 -12.05
C THR B 141 42.21 -9.28 -12.79
N ASP B 142 43.50 -9.53 -12.51
CA ASP B 142 44.21 -10.69 -13.07
C ASP B 142 43.56 -12.03 -12.65
N MET B 143 43.30 -12.25 -11.38
CA MET B 143 42.66 -13.50 -10.98
C MET B 143 41.37 -13.76 -11.76
N ALA B 144 40.64 -12.68 -12.04
CA ALA B 144 39.36 -12.78 -12.73
C ALA B 144 39.43 -13.27 -14.18
N GLN B 145 40.52 -12.98 -14.87
CA GLN B 145 40.51 -13.06 -16.33
C GLN B 145 40.14 -14.44 -16.96
N HIS B 146 40.51 -15.55 -16.33
CA HIS B 146 40.17 -16.90 -16.87
C HIS B 146 39.26 -17.69 -15.99
N GLY B 147 38.58 -16.99 -15.10
CA GLY B 147 37.47 -17.56 -14.35
C GLY B 147 36.36 -18.07 -15.25
N ASP B 148 35.53 -18.94 -14.69
CA ASP B 148 34.42 -19.58 -15.41
C ASP B 148 33.16 -19.29 -14.63
N ARG B 149 32.18 -18.68 -15.28
CA ARG B 149 31.00 -18.19 -14.57
C ARG B 149 29.90 -19.23 -14.49
N ASN B 150 30.08 -20.37 -15.16
CA ASN B 150 29.00 -21.32 -15.42
C ASN B 150 28.27 -22.01 -14.21
N THR B 151 29.00 -22.26 -13.14
CA THR B 151 28.43 -22.76 -11.90
C THR B 151 27.89 -21.65 -10.99
N ILE B 152 28.09 -20.41 -11.40
CA ILE B 152 27.69 -19.27 -10.62
C ILE B 152 26.47 -18.57 -11.21
N ASP B 153 26.53 -18.20 -12.49
CA ASP B 153 25.43 -17.55 -13.21
C ASP B 153 24.42 -18.56 -13.79
N LEU B 154 23.19 -18.12 -13.87
CA LEU B 154 22.08 -18.86 -14.43
C LEU B 154 21.66 -18.24 -15.77
N LYS B 155 21.60 -19.07 -16.79
CA LYS B 155 21.09 -18.71 -18.08
C LYS B 155 19.60 -18.95 -18.21
N VAL B 156 18.99 -18.29 -19.19
CA VAL B 156 17.58 -18.44 -19.54
C VAL B 156 17.33 -19.90 -19.88
N ARG B 157 18.25 -20.52 -20.60
CA ARG B 157 18.10 -21.91 -21.00
C ARG B 157 17.92 -22.78 -19.77
N HIS B 158 18.53 -22.43 -18.65
CA HIS B 158 18.45 -23.21 -17.41
C HIS B 158 17.11 -23.09 -16.73
N ILE B 159 16.43 -21.98 -16.90
CA ILE B 159 15.10 -21.87 -16.31
C ILE B 159 14.11 -22.59 -17.24
N TYR B 160 14.24 -22.33 -18.54
CA TYR B 160 13.34 -22.85 -19.56
C TYR B 160 13.52 -24.33 -19.95
N LYS B 161 14.52 -24.97 -19.37
CA LYS B 161 14.69 -26.42 -19.47
C LYS B 161 14.75 -26.81 -20.93
N ASP B 162 13.81 -27.62 -21.41
CA ASP B 162 13.84 -28.14 -22.76
C ASP B 162 12.79 -27.46 -23.66
N THR B 163 12.13 -26.42 -23.14
CA THR B 163 11.13 -25.68 -23.95
C THR B 163 11.72 -24.39 -24.52
N GLU B 164 11.09 -23.87 -25.57
CA GLU B 164 11.55 -22.67 -26.22
C GLU B 164 11.32 -21.45 -25.32
N PRO B 165 12.42 -20.80 -24.89
CA PRO B 165 12.26 -19.56 -24.15
C PRO B 165 11.79 -18.42 -25.07
N PRO B 166 11.18 -17.38 -24.49
CA PRO B 166 10.68 -16.23 -25.26
C PRO B 166 11.75 -15.12 -25.45
N ILE B 167 12.90 -15.26 -24.79
CA ILE B 167 14.09 -14.50 -25.13
C ILE B 167 15.26 -15.47 -25.30
N PRO B 168 16.30 -15.03 -26.03
CA PRO B 168 17.40 -15.96 -26.29
C PRO B 168 17.88 -16.68 -25.02
N GLY B 169 18.04 -18.01 -25.14
CA GLY B 169 18.46 -18.90 -24.05
C GLY B 169 19.89 -18.78 -23.54
N ASP B 170 20.79 -18.31 -24.38
CA ASP B 170 22.14 -18.06 -23.93
C ASP B 170 22.25 -16.82 -23.00
N LEU B 171 21.24 -15.97 -22.91
CA LEU B 171 21.28 -14.79 -22.09
C LEU B 171 21.38 -15.16 -20.63
N THR B 172 22.11 -14.35 -19.87
CA THR B 172 22.12 -14.49 -18.43
C THR B 172 20.73 -14.09 -17.94
N ALA B 173 20.24 -14.88 -16.98
CA ALA B 173 18.89 -14.79 -16.45
C ALA B 173 19.00 -14.27 -15.07
N ALA B 174 19.91 -14.84 -14.29
CA ALA B 174 20.17 -14.41 -12.92
C ALA B 174 21.67 -14.62 -12.56
N ASN B 175 22.37 -13.50 -12.46
CA ASN B 175 23.71 -13.42 -11.88
C ASN B 175 23.79 -14.04 -10.47
N PHE B 176 24.80 -14.87 -10.22
CA PHE B 176 24.91 -15.65 -9.01
C PHE B 176 23.72 -16.64 -8.81
N GLY B 177 22.86 -16.80 -9.83
CA GLY B 177 21.63 -17.56 -9.66
C GLY B 177 21.77 -19.09 -9.77
N HIS B 178 22.94 -19.57 -10.22
CA HIS B 178 23.28 -20.99 -10.24
C HIS B 178 24.01 -21.46 -8.96
N VAL B 179 24.30 -20.54 -8.05
CA VAL B 179 25.08 -20.87 -6.90
C VAL B 179 24.42 -21.98 -6.09
N LEU B 180 23.13 -21.87 -5.86
CA LEU B 180 22.40 -22.83 -5.01
C LEU B 180 22.24 -24.21 -5.61
N HIS B 181 22.33 -24.34 -6.93
CA HIS B 181 22.40 -25.66 -7.59
C HIS B 181 23.80 -26.29 -7.60
N HIS B 182 24.80 -25.70 -6.93
CA HIS B 182 26.19 -26.21 -6.96
C HIS B 182 26.87 -26.14 -5.62
N LEU B 183 26.06 -26.26 -4.60
CA LEU B 183 26.44 -26.24 -3.21
C LEU B 183 27.45 -27.29 -2.85
N ASP B 184 27.72 -28.22 -3.72
CA ASP B 184 28.73 -29.24 -3.53
C ASP B 184 30.17 -28.71 -3.75
N ALA B 185 30.59 -27.78 -2.89
CA ALA B 185 31.85 -27.06 -2.88
C ALA B 185 32.35 -26.38 -4.13
N ASP B 186 33.58 -25.96 -4.00
CA ASP B 186 34.35 -25.29 -5.01
C ASP B 186 34.01 -23.93 -5.57
N PHE B 187 33.59 -22.98 -4.78
CA PHE B 187 33.62 -21.70 -5.48
C PHE B 187 35.02 -21.08 -5.36
N THR B 188 35.73 -21.09 -6.47
CA THR B 188 37.11 -20.71 -6.50
C THR B 188 37.14 -19.19 -6.66
N PRO B 189 38.21 -18.53 -6.18
CA PRO B 189 38.35 -17.05 -6.38
C PRO B 189 38.26 -16.53 -7.88
N SER B 190 38.83 -17.24 -8.86
CA SER B 190 38.69 -16.86 -10.28
C SER B 190 37.25 -16.83 -10.79
N ASN B 191 36.54 -17.89 -10.49
CA ASN B 191 35.16 -18.00 -10.93
C ASN B 191 34.27 -16.96 -10.26
N LYS B 192 34.52 -16.75 -8.99
CA LYS B 192 33.76 -15.79 -8.26
C LYS B 192 34.05 -14.41 -8.83
N LEU B 193 35.32 -14.04 -8.97
CA LEU B 193 35.67 -12.71 -9.50
C LEU B 193 35.26 -12.51 -10.98
N ALA B 194 35.38 -13.55 -11.77
CA ALA B 194 34.79 -13.49 -13.10
C ALA B 194 33.28 -13.12 -13.06
N ALA B 195 32.56 -13.70 -12.10
CA ALA B 195 31.15 -13.43 -11.92
C ALA B 195 30.80 -12.00 -11.45
N VAL B 196 31.68 -11.39 -10.66
CA VAL B 196 31.55 -10.00 -10.20
C VAL B 196 31.70 -9.06 -11.35
N ILE B 197 32.70 -9.35 -12.18
CA ILE B 197 32.98 -8.56 -13.41
C ILE B 197 31.83 -8.69 -14.39
N GLY B 198 31.38 -9.92 -14.54
CA GLY B 198 30.24 -10.23 -15.33
C GLY B 198 29.07 -9.36 -14.98
N VAL B 199 28.63 -9.40 -13.71
CA VAL B 199 27.43 -8.68 -13.30
C VAL B 199 27.58 -7.13 -13.49
N VAL B 200 28.77 -6.63 -13.23
CA VAL B 200 29.06 -5.20 -13.39
C VAL B 200 29.06 -4.80 -14.87
N GLY B 201 29.75 -5.58 -15.72
CA GLY B 201 29.70 -5.35 -17.20
C GLY B 201 28.26 -5.36 -17.75
N GLU B 202 27.52 -6.39 -17.38
CA GLU B 202 26.15 -6.61 -17.78
C GLU B 202 25.18 -5.48 -17.32
N VAL B 203 25.26 -5.08 -16.04
CA VAL B 203 24.44 -3.95 -15.57
C VAL B 203 24.78 -2.64 -16.31
N VAL B 204 26.07 -2.32 -16.39
CA VAL B 204 26.50 -1.13 -17.09
C VAL B 204 25.98 -1.08 -18.54
N THR B 205 26.21 -2.16 -19.27
CA THR B 205 25.82 -2.24 -20.70
C THR B 205 24.33 -2.17 -20.88
N THR B 206 23.60 -2.85 -20.04
CA THR B 206 22.15 -2.79 -20.10
C THR B 206 21.61 -1.38 -19.94
N MET B 207 22.14 -0.66 -18.96
CA MET B 207 21.81 0.73 -18.80
C MET B 207 22.16 1.53 -20.04
N ALA B 208 23.36 1.34 -20.53
CA ALA B 208 23.86 2.03 -21.73
C ALA B 208 23.00 1.82 -23.00
N ILE B 209 22.67 0.57 -23.29
CA ILE B 209 21.87 0.30 -24.47
C ILE B 209 20.44 0.70 -24.27
N THR B 210 20.00 0.87 -23.04
CA THR B 210 18.63 1.28 -22.80
C THR B 210 18.52 2.75 -23.15
N VAL B 211 19.48 3.56 -22.66
CA VAL B 211 19.48 4.99 -22.93
C VAL B 211 19.84 5.27 -24.42
N ALA B 212 20.59 4.37 -25.05
CA ALA B 212 20.87 4.44 -26.51
C ALA B 212 19.65 4.29 -27.37
N ARG B 213 18.76 3.39 -26.99
CA ARG B 213 17.44 3.27 -27.62
C ARG B 213 16.52 4.52 -27.39
N GLU B 214 16.36 4.91 -26.14
CA GLU B 214 15.60 6.12 -25.79
C GLU B 214 15.99 7.32 -26.63
N PHE B 215 17.29 7.55 -26.72
CA PHE B 215 17.84 8.73 -27.36
C PHE B 215 18.24 8.52 -28.81
N LYS B 216 17.87 7.36 -29.36
CA LYS B 216 17.97 7.06 -30.78
C LYS B 216 19.35 7.18 -31.34
N THR B 217 20.31 6.57 -30.66
CA THR B 217 21.68 6.47 -31.16
C THR B 217 22.14 5.01 -31.04
N GLU B 218 22.97 4.61 -31.99
CA GLU B 218 23.57 3.28 -32.01
C GLU B 218 24.97 3.34 -31.37
N ASN B 219 25.50 4.54 -31.15
CA ASN B 219 26.89 4.66 -30.71
C ASN B 219 26.95 4.74 -29.22
N ILE B 220 27.79 3.90 -28.59
CA ILE B 220 28.03 3.93 -27.18
C ILE B 220 29.52 3.93 -26.97
N VAL B 221 30.02 4.99 -26.33
CA VAL B 221 31.44 5.15 -26.01
C VAL B 221 31.64 4.89 -24.53
N TYR B 222 32.50 3.95 -24.17
CA TYR B 222 32.79 3.56 -22.78
C TYR B 222 34.15 4.13 -22.38
N ILE B 223 34.15 4.91 -21.31
CA ILE B 223 35.39 5.43 -20.71
C ILE B 223 35.43 5.08 -19.23
N GLY B 224 36.51 5.45 -18.58
CA GLY B 224 36.74 5.23 -17.17
C GLY B 224 37.93 4.30 -17.00
N SER B 225 38.54 4.34 -15.83
CA SER B 225 39.69 3.48 -15.53
C SER B 225 39.27 2.06 -15.16
N SER B 226 37.98 1.82 -14.94
CA SER B 226 37.46 0.48 -14.69
C SER B 226 37.84 -0.57 -15.73
N PHE B 227 38.19 -0.14 -16.92
CA PHE B 227 38.66 -1.00 -17.99
C PHE B 227 40.15 -1.29 -18.02
N HIS B 228 40.93 -0.67 -17.14
CA HIS B 228 42.38 -0.91 -17.12
C HIS B 228 42.69 -2.23 -16.53
N ASN B 229 43.61 -2.90 -17.17
CA ASN B 229 44.01 -4.24 -16.78
C ASN B 229 42.84 -5.22 -16.65
N ASN B 230 41.80 -5.08 -17.47
CA ASN B 230 40.61 -5.95 -17.32
C ASN B 230 39.95 -6.23 -18.67
N ALA B 231 40.58 -7.09 -19.44
CA ALA B 231 40.06 -7.52 -20.72
C ALA B 231 38.69 -8.13 -20.62
N LEU B 232 38.42 -8.85 -19.55
CA LEU B 232 37.13 -9.47 -19.43
C LEU B 232 36.00 -8.44 -19.28
N LEU B 233 36.21 -7.35 -18.56
CA LEU B 233 35.17 -6.30 -18.50
C LEU B 233 34.89 -5.67 -19.90
N ARG B 234 35.94 -5.39 -20.64
CA ARG B 234 35.83 -4.87 -21.99
C ARG B 234 35.12 -5.86 -22.89
N LYS B 235 35.50 -7.13 -22.80
CA LYS B 235 34.82 -8.17 -23.55
C LYS B 235 33.32 -8.33 -23.25
N VAL B 236 32.98 -8.45 -21.97
CA VAL B 236 31.60 -8.56 -21.50
C VAL B 236 30.70 -7.45 -22.01
N VAL B 237 31.23 -6.25 -21.95
CA VAL B 237 30.54 -5.03 -22.37
C VAL B 237 30.49 -4.91 -23.91
N GLU B 238 31.63 -5.12 -24.54
CA GLU B 238 31.68 -5.16 -26.00
C GLU B 238 30.65 -6.15 -26.57
N ASP B 239 30.68 -7.39 -26.09
CA ASP B 239 29.82 -8.44 -26.67
C ASP B 239 28.33 -8.15 -26.48
N TYR B 240 27.92 -7.72 -25.28
CA TYR B 240 26.48 -7.50 -25.05
C TYR B 240 25.93 -6.33 -25.86
N THR B 241 26.72 -5.25 -25.95
CA THR B 241 26.41 -4.07 -26.82
C THR B 241 26.17 -4.44 -28.29
N VAL B 242 27.10 -5.19 -28.87
CA VAL B 242 27.00 -5.71 -30.25
C VAL B 242 25.73 -6.61 -30.31
N LEU B 243 25.58 -7.50 -29.35
CA LEU B 243 24.34 -8.28 -29.24
C LEU B 243 23.09 -7.45 -29.37
N ARG B 244 23.02 -6.29 -28.69
CA ARG B 244 21.82 -5.47 -28.67
C ARG B 244 21.70 -4.48 -29.84
N GLY B 245 22.54 -4.60 -30.84
CA GLY B 245 22.44 -3.73 -31.98
C GLY B 245 23.22 -2.44 -31.94
N CYS B 246 24.01 -2.19 -30.89
CA CYS B 246 24.78 -0.96 -30.75
C CYS B 246 26.25 -1.15 -31.06
N LYS B 247 26.97 -0.06 -31.29
CA LYS B 247 28.40 -0.09 -31.61
C LYS B 247 29.15 0.37 -30.41
N PRO B 248 30.05 -0.47 -29.87
CA PRO B 248 30.83 -0.06 -28.75
C PRO B 248 32.08 0.64 -29.22
N TYR B 249 32.55 1.64 -28.47
CA TYR B 249 33.86 2.29 -28.72
C TYR B 249 34.62 2.44 -27.42
N TYR B 250 35.93 2.13 -27.46
CA TYR B 250 36.86 2.38 -26.35
C TYR B 250 37.77 3.47 -26.80
N VAL B 251 38.37 4.24 -25.91
CA VAL B 251 39.22 5.32 -26.43
C VAL B 251 40.48 5.32 -25.64
N GLU B 252 41.59 5.28 -26.36
CA GLU B 252 42.92 5.47 -25.77
C GLU B 252 42.91 6.75 -24.91
N ASN B 253 43.34 6.57 -23.65
CA ASN B 253 43.28 7.61 -22.63
C ASN B 253 41.92 8.22 -22.30
N GLY B 254 40.83 7.53 -22.62
CA GLY B 254 39.48 7.93 -22.23
C GLY B 254 39.24 8.16 -20.74
N ALA B 255 39.99 7.45 -19.88
CA ALA B 255 40.09 7.77 -18.44
C ALA B 255 40.55 9.21 -18.08
N PHE B 256 41.26 9.86 -19.02
CA PHE B 256 41.81 11.24 -18.85
C PHE B 256 40.92 12.30 -19.49
N SER B 257 39.74 11.90 -19.97
CA SER B 257 38.77 12.81 -20.60
C SER B 257 38.49 14.06 -19.76
N GLY B 258 38.13 13.85 -18.52
CA GLY B 258 37.88 14.92 -17.58
C GLY B 258 39.07 15.86 -17.34
N ALA B 259 40.26 15.27 -17.20
CA ALA B 259 41.49 16.07 -17.10
C ALA B 259 41.75 16.93 -18.35
N ILE B 260 41.58 16.33 -19.53
CA ILE B 260 41.79 17.03 -20.80
C ILE B 260 40.76 18.16 -20.95
N GLY B 261 39.49 17.81 -20.73
CA GLY B 261 38.42 18.77 -20.78
C GLY B 261 38.56 19.97 -19.86
N ALA B 262 39.06 19.76 -18.63
CA ALA B 262 39.34 20.86 -17.70
C ALA B 262 40.27 21.92 -18.35
N LEU B 263 41.25 21.47 -19.11
CA LEU B 263 42.14 22.38 -19.80
C LEU B 263 41.50 23.16 -20.94
N TYR B 264 40.52 22.61 -21.64
CA TYR B 264 39.99 23.27 -22.84
C TYR B 264 38.63 23.90 -22.66
N LEU B 265 38.07 23.86 -21.45
CA LEU B 265 36.95 24.72 -21.12
C LEU B 265 37.49 26.12 -20.69
N GLU B 266 38.73 26.13 -20.20
CA GLU B 266 39.44 27.34 -19.84
C GLU B 266 39.80 28.18 -21.07
N MET C 1 4.19 -30.06 7.87
CA MET C 1 2.96 -29.26 7.54
C MET C 1 2.17 -28.79 8.78
N LYS C 2 2.19 -27.47 9.01
CA LYS C 2 1.41 -26.84 10.06
C LYS C 2 0.20 -26.17 9.45
N VAL C 3 -0.89 -26.06 10.21
CA VAL C 3 -2.12 -25.45 9.68
C VAL C 3 -2.78 -24.46 10.67
N GLY C 4 -3.19 -23.31 10.14
CA GLY C 4 -3.86 -22.29 10.91
C GLY C 4 -5.18 -21.96 10.27
N ILE C 5 -6.25 -22.05 11.06
CA ILE C 5 -7.62 -21.81 10.59
C ILE C 5 -8.32 -20.78 11.44
N ASP C 6 -8.88 -19.78 10.77
CA ASP C 6 -9.79 -18.79 11.36
C ASP C 6 -11.15 -18.99 10.67
N ALA C 7 -12.05 -19.67 11.36
CA ALA C 7 -13.38 -19.96 10.82
C ALA C 7 -14.42 -18.92 11.30
N GLY C 8 -14.77 -18.00 10.42
CA GLY C 8 -15.68 -16.91 10.76
C GLY C 8 -17.14 -17.20 10.47
N GLY C 9 -17.97 -16.18 10.62
CA GLY C 9 -19.36 -16.27 10.24
C GLY C 9 -19.60 -16.55 8.76
N THR C 10 -18.82 -15.90 7.91
CA THR C 10 -18.97 -16.01 6.43
C THR C 10 -17.85 -16.87 5.78
N LEU C 11 -16.62 -16.48 6.02
CA LEU C 11 -15.47 -17.11 5.38
C LEU C 11 -14.63 -17.92 6.39
N ILE C 12 -14.17 -19.09 5.93
CA ILE C 12 -13.06 -19.85 6.56
C ILE C 12 -11.68 -19.52 5.93
N LYS C 13 -10.76 -18.94 6.71
CA LYS C 13 -9.41 -18.59 6.22
C LYS C 13 -8.39 -19.65 6.68
N ILE C 14 -7.71 -20.24 5.71
CA ILE C 14 -6.79 -21.33 5.95
C ILE C 14 -5.37 -20.95 5.52
N VAL C 15 -4.44 -21.12 6.45
CA VAL C 15 -3.02 -20.95 6.24
C VAL C 15 -2.42 -22.31 6.48
N GLN C 16 -1.76 -22.86 5.47
CA GLN C 16 -0.89 -24.02 5.66
C GLN C 16 0.55 -23.60 5.50
N GLU C 17 1.35 -23.91 6.50
CA GLU C 17 2.77 -23.68 6.47
C GLU C 17 3.47 -25.04 6.32
N GLN C 18 4.57 -25.04 5.56
CA GLN C 18 5.38 -26.22 5.22
C GLN C 18 6.71 -25.65 4.75
N ASP C 19 7.81 -26.11 5.35
CA ASP C 19 9.10 -25.36 5.32
C ASP C 19 8.80 -23.95 5.82
N ASN C 20 9.19 -22.90 5.09
CA ASN C 20 8.58 -21.58 5.27
C ASN C 20 7.99 -21.12 3.94
N GLN C 21 7.13 -21.98 3.36
CA GLN C 21 6.22 -21.59 2.28
C GLN C 21 4.85 -21.63 2.88
N ARG C 22 4.11 -20.54 2.68
CA ARG C 22 2.72 -20.42 3.14
C ARG C 22 1.76 -20.56 1.98
N THR C 23 0.59 -21.11 2.31
CA THR C 23 -0.51 -21.32 1.39
C THR C 23 -1.76 -20.68 1.99
N PHE C 24 -2.29 -19.68 1.30
CA PHE C 24 -3.52 -19.05 1.69
C PHE C 24 -4.70 -19.60 0.90
N LYS C 25 -5.52 -20.41 1.57
CA LYS C 25 -6.80 -20.85 1.01
C LYS C 25 -7.92 -20.06 1.65
N THR C 26 -8.99 -19.83 0.91
CA THR C 26 -10.27 -19.48 1.55
C THR C 26 -11.41 -20.38 1.10
N GLU C 27 -12.45 -20.37 1.92
CA GLU C 27 -13.62 -21.18 1.71
C GLU C 27 -14.83 -20.63 2.45
N LEU C 28 -16.00 -20.90 1.90
CA LEU C 28 -17.23 -20.42 2.52
C LEU C 28 -17.54 -21.19 3.81
N THR C 29 -18.02 -20.45 4.83
CA THR C 29 -18.44 -21.08 6.10
C THR C 29 -19.57 -22.09 5.82
N LYS C 30 -20.42 -21.80 4.84
CA LYS C 30 -21.47 -22.72 4.38
C LYS C 30 -20.91 -24.12 4.08
N ASN C 31 -19.75 -24.15 3.42
CA ASN C 31 -19.09 -25.38 3.04
C ASN C 31 -18.15 -25.97 4.09
N ILE C 32 -18.40 -25.65 5.35
CA ILE C 32 -17.52 -26.07 6.45
C ILE C 32 -17.28 -27.61 6.55
N ASP C 33 -18.29 -28.40 6.15
CA ASP C 33 -18.20 -29.87 6.06
C ASP C 33 -17.08 -30.34 5.12
N GLN C 34 -16.83 -29.60 4.05
CA GLN C 34 -15.76 -29.96 3.12
C GLN C 34 -14.38 -29.59 3.64
N VAL C 35 -14.29 -28.52 4.41
CA VAL C 35 -13.06 -28.19 5.13
C VAL C 35 -12.72 -29.26 6.19
N VAL C 36 -13.72 -29.83 6.84
CA VAL C 36 -13.51 -30.95 7.78
C VAL C 36 -12.92 -32.15 7.03
N GLU C 37 -13.52 -32.46 5.88
CA GLU C 37 -13.14 -33.60 5.08
C GLU C 37 -11.73 -33.45 4.51
N TRP C 38 -11.42 -32.28 3.95
CA TRP C 38 -10.05 -32.00 3.48
C TRP C 38 -9.04 -32.30 4.60
N LEU C 39 -9.23 -31.64 5.74
CA LEU C 39 -8.38 -31.81 6.93
C LEU C 39 -8.19 -33.26 7.36
N ASN C 40 -9.26 -34.05 7.27
CA ASN C 40 -9.19 -35.47 7.64
C ASN C 40 -8.35 -36.35 6.68
N GLN C 41 -8.15 -35.92 5.43
CA GLN C 41 -7.27 -36.64 4.48
C GLN C 41 -5.80 -36.17 4.50
N GLN C 42 -5.45 -35.16 5.28
CA GLN C 42 -4.08 -34.60 5.30
C GLN C 42 -3.16 -35.14 6.41
N GLN C 43 -1.86 -34.91 6.21
CA GLN C 43 -0.83 -35.12 7.23
C GLN C 43 -0.52 -33.74 7.81
N ILE C 44 -0.96 -33.51 9.04
CA ILE C 44 -0.85 -32.23 9.73
C ILE C 44 -0.06 -32.42 11.02
N GLU C 45 1.03 -31.68 11.14
CA GLU C 45 1.88 -31.73 12.32
C GLU C 45 1.19 -30.99 13.47
N LYS C 46 0.47 -29.94 13.11
CA LYS C 46 -0.01 -28.96 14.06
C LYS C 46 -1.21 -28.26 13.49
N LEU C 47 -2.29 -28.26 14.25
CA LEU C 47 -3.52 -27.63 13.83
C LEU C 47 -3.96 -26.66 14.91
N CYS C 48 -3.98 -25.37 14.58
CA CYS C 48 -4.46 -24.33 15.47
C CYS C 48 -5.71 -23.62 14.91
N LEU C 49 -6.70 -23.44 15.78
CA LEU C 49 -8.02 -22.93 15.42
C LEU C 49 -8.37 -21.67 16.16
N THR C 50 -9.26 -20.91 15.55
CA THR C 50 -9.81 -19.73 16.17
C THR C 50 -11.07 -19.38 15.38
N GLY C 51 -11.73 -18.30 15.75
CA GLY C 51 -13.01 -17.92 15.14
C GLY C 51 -14.21 -18.68 15.67
N GLY C 52 -15.40 -18.19 15.30
CA GLY C 52 -16.65 -18.67 15.88
C GLY C 52 -17.03 -20.09 15.57
N ASN C 53 -16.62 -20.53 14.38
CA ASN C 53 -16.90 -21.87 13.91
C ASN C 53 -15.77 -22.85 14.17
N ALA C 54 -14.72 -22.40 14.87
CA ALA C 54 -13.66 -23.31 15.36
C ALA C 54 -14.24 -24.53 16.10
N GLY C 55 -15.24 -24.29 16.95
CA GLY C 55 -16.00 -25.36 17.56
C GLY C 55 -16.41 -26.43 16.59
N VAL C 56 -17.17 -26.04 15.58
CA VAL C 56 -17.71 -26.98 14.59
C VAL C 56 -16.63 -27.88 13.98
N ILE C 57 -15.46 -27.32 13.69
CA ILE C 57 -14.35 -28.04 13.08
C ILE C 57 -13.72 -29.00 14.07
N ALA C 58 -13.28 -28.46 15.20
CA ALA C 58 -12.66 -29.24 16.27
C ALA C 58 -13.46 -30.51 16.66
N GLU C 59 -14.80 -30.44 16.58
CA GLU C 59 -15.66 -31.56 16.97
C GLU C 59 -15.66 -32.67 15.94
N ASN C 60 -15.49 -32.33 14.66
CA ASN C 60 -15.62 -33.31 13.56
C ASN C 60 -14.33 -33.86 12.92
N ILE C 61 -13.18 -33.57 13.53
CA ILE C 61 -11.88 -34.03 13.02
C ILE C 61 -11.21 -35.02 13.95
N ASN C 62 -10.29 -35.79 13.41
CA ASN C 62 -9.74 -36.95 14.09
C ASN C 62 -8.50 -36.67 14.90
N ILE C 63 -8.02 -35.44 14.86
CA ILE C 63 -6.73 -35.07 15.46
C ILE C 63 -6.97 -33.95 16.49
N PRO C 64 -6.13 -33.87 17.54
CA PRO C 64 -6.22 -32.72 18.47
C PRO C 64 -6.04 -31.34 17.78
N ALA C 65 -6.33 -30.26 18.51
CA ALA C 65 -6.16 -28.91 17.98
C ALA C 65 -6.22 -27.85 19.08
N GLN C 66 -5.25 -26.95 19.09
CA GLN C 66 -5.30 -25.79 19.95
C GLN C 66 -6.33 -24.81 19.40
N ILE C 67 -6.96 -24.07 20.30
CA ILE C 67 -8.05 -23.15 19.96
C ILE C 67 -7.77 -21.91 20.73
N PHE C 68 -7.75 -20.80 20.03
CA PHE C 68 -7.33 -19.55 20.59
C PHE C 68 -8.47 -18.59 20.42
N VAL C 69 -8.46 -17.53 21.21
CA VAL C 69 -9.44 -16.44 21.07
C VAL C 69 -9.04 -15.59 19.83
N GLU C 70 -10.05 -15.26 19.02
CA GLU C 70 -9.84 -14.63 17.70
C GLU C 70 -9.23 -13.25 17.78
N PHE C 71 -9.50 -12.57 18.89
CA PHE C 71 -8.95 -11.23 19.13
C PHE C 71 -7.44 -11.31 19.31
N ASP C 72 -7.01 -12.32 20.04
CA ASP C 72 -5.62 -12.55 20.25
C ASP C 72 -4.94 -12.92 18.97
N ALA C 73 -5.55 -13.87 18.25
CA ALA C 73 -4.94 -14.43 17.04
C ALA C 73 -4.79 -13.37 15.96
N ALA C 74 -5.88 -12.64 15.66
CA ALA C 74 -5.80 -11.52 14.71
C ALA C 74 -4.61 -10.57 15.04
N SER C 75 -4.45 -10.19 16.30
CA SER C 75 -3.42 -9.24 16.71
C SER C 75 -2.05 -9.79 16.47
N GLN C 76 -1.89 -11.08 16.73
CA GLN C 76 -0.61 -11.76 16.62
C GLN C 76 -0.23 -11.90 15.14
N GLY C 77 -1.17 -12.44 14.37
CA GLY C 77 -1.01 -12.58 12.93
C GLY C 77 -0.73 -11.30 12.21
N LEU C 78 -1.40 -10.23 12.61
CA LEU C 78 -1.29 -8.95 11.96
C LEU C 78 0.07 -8.31 12.21
N GLY C 79 0.48 -8.32 13.47
CA GLY C 79 1.85 -7.89 13.84
C GLY C 79 2.95 -8.56 13.01
N ILE C 80 2.76 -9.84 12.69
CA ILE C 80 3.68 -10.58 11.84
C ILE C 80 3.75 -9.94 10.44
N LEU C 81 2.58 -9.85 9.81
CA LEU C 81 2.43 -9.24 8.50
C LEU C 81 2.86 -7.77 8.41
N LEU C 82 2.70 -7.04 9.52
CA LEU C 82 3.05 -5.62 9.55
C LEU C 82 4.55 -5.34 9.38
N LYS C 83 5.36 -6.06 10.15
CA LYS C 83 6.82 -5.89 10.06
C LYS C 83 7.43 -6.52 8.79
N GLU C 84 6.93 -7.71 8.41
CA GLU C 84 7.25 -8.38 7.12
C GLU C 84 7.11 -7.51 5.90
N GLN C 85 6.11 -6.65 5.87
CA GLN C 85 5.83 -5.73 4.76
C GLN C 85 6.24 -4.28 5.01
N GLY C 86 6.99 -4.04 6.08
CA GLY C 86 7.77 -2.79 6.19
C GLY C 86 7.35 -1.75 7.20
N HIS C 87 6.15 -1.90 7.77
CA HIS C 87 5.64 -0.94 8.75
C HIS C 87 6.08 -1.40 10.13
N ASP C 88 6.65 -0.50 10.89
CA ASP C 88 6.99 -0.78 12.27
C ASP C 88 6.21 0.27 13.01
N LEU C 89 5.04 -0.10 13.50
CA LEU C 89 4.16 0.88 14.12
C LEU C 89 4.27 0.75 15.63
N ALA C 90 4.64 1.86 16.27
CA ALA C 90 4.70 1.93 17.73
C ALA C 90 3.39 1.45 18.39
N ASP C 91 2.29 2.07 17.96
CA ASP C 91 0.94 1.76 18.43
C ASP C 91 -0.03 1.88 17.25
N TYR C 92 -1.24 1.41 17.43
CA TYR C 92 -2.24 1.41 16.35
C TYR C 92 -3.59 0.84 16.78
N ILE C 93 -4.63 1.53 16.35
CA ILE C 93 -5.95 0.92 16.25
C ILE C 93 -5.92 -0.10 15.13
N PHE C 94 -6.55 -1.26 15.31
CA PHE C 94 -6.92 -2.03 14.14
C PHE C 94 -8.41 -2.39 14.14
N ALA C 95 -8.96 -2.43 12.93
CA ALA C 95 -10.37 -2.56 12.68
C ALA C 95 -10.52 -3.83 11.86
N ASN C 96 -11.13 -4.84 12.48
CA ASN C 96 -11.32 -6.11 11.76
C ASN C 96 -12.71 -6.09 11.14
N VAL C 97 -12.77 -5.75 9.86
CA VAL C 97 -14.01 -5.59 9.14
C VAL C 97 -14.43 -6.92 8.53
N GLY C 98 -15.18 -7.70 9.29
CA GLY C 98 -15.62 -9.01 8.84
C GLY C 98 -17.09 -9.03 8.53
N THR C 99 -17.76 -10.10 8.93
CA THR C 99 -19.21 -10.11 8.93
C THR C 99 -19.71 -8.91 9.75
N GLY C 100 -19.09 -8.71 10.92
CA GLY C 100 -19.21 -7.48 11.70
C GLY C 100 -17.81 -6.90 11.96
N THR C 101 -17.79 -5.72 12.55
CA THR C 101 -16.58 -4.98 12.82
C THR C 101 -16.25 -4.97 14.35
N SER C 102 -15.02 -5.37 14.68
CA SER C 102 -14.44 -5.36 16.02
C SER C 102 -13.22 -4.43 16.01
N LEU C 103 -13.12 -3.53 16.97
CA LEU C 103 -12.06 -2.51 16.96
C LEU C 103 -11.13 -2.75 18.12
N HIS C 104 -9.83 -2.57 17.91
CA HIS C 104 -8.82 -2.92 18.89
C HIS C 104 -7.75 -1.89 18.95
N TYR C 105 -7.18 -1.66 20.13
CA TYR C 105 -6.01 -0.79 20.35
C TYR C 105 -4.83 -1.69 20.69
N PHE C 106 -3.78 -1.64 19.87
CA PHE C 106 -2.52 -2.33 20.15
C PHE C 106 -1.55 -1.26 20.63
N ASP C 107 -0.95 -1.47 21.80
CA ASP C 107 -0.10 -0.46 22.45
C ASP C 107 1.41 -0.78 22.40
N GLY C 108 1.84 -1.46 21.34
CA GLY C 108 3.22 -2.00 21.24
C GLY C 108 3.40 -3.45 21.70
N GLN C 109 2.60 -3.87 22.67
CA GLN C 109 2.75 -5.14 23.31
C GLN C 109 1.53 -6.03 23.17
N SER C 110 0.34 -5.52 23.42
CA SER C 110 -0.83 -6.37 23.28
C SER C 110 -2.03 -5.59 22.87
N GLN C 111 -3.05 -6.33 22.45
CA GLN C 111 -4.30 -5.76 22.05
C GLN C 111 -5.33 -5.73 23.17
N ARG C 112 -6.16 -4.71 23.07
CA ARG C 112 -7.33 -4.52 23.90
C ARG C 112 -8.53 -4.24 22.95
N ARG C 113 -9.59 -5.03 23.01
CA ARG C 113 -10.84 -4.66 22.30
C ARG C 113 -11.51 -3.41 22.93
N VAL C 114 -11.73 -2.37 22.15
CA VAL C 114 -12.22 -1.10 22.67
C VAL C 114 -13.54 -0.68 22.08
N GLY C 115 -14.09 -1.52 21.22
CA GLY C 115 -15.20 -1.09 20.38
C GLY C 115 -15.70 -2.14 19.42
N GLY C 116 -16.88 -1.90 18.87
CA GLY C 116 -17.50 -2.89 17.99
C GLY C 116 -18.80 -2.37 17.47
N ILE C 117 -19.12 -2.80 16.26
CA ILE C 117 -20.29 -2.34 15.57
C ILE C 117 -20.67 -3.42 14.56
N GLY C 118 -21.97 -3.59 14.33
CA GLY C 118 -22.47 -4.57 13.35
C GLY C 118 -22.61 -4.06 11.90
N THR C 119 -21.94 -2.97 11.57
CA THR C 119 -21.76 -2.49 10.22
C THR C 119 -20.43 -3.02 9.69
N GLY C 120 -20.54 -4.05 8.85
CA GLY C 120 -19.41 -4.69 8.22
C GLY C 120 -19.84 -5.33 6.92
N GLY C 121 -19.18 -6.41 6.55
CA GLY C 121 -19.39 -7.05 5.27
C GLY C 121 -20.71 -7.73 5.18
N GLY C 122 -21.21 -8.21 6.31
CA GLY C 122 -22.52 -8.88 6.37
C GLY C 122 -23.63 -7.91 6.05
N MET C 123 -23.48 -6.67 6.48
CA MET C 123 -24.46 -5.67 6.15
C MET C 123 -24.38 -5.32 4.66
N ILE C 124 -23.15 -5.31 4.09
CA ILE C 124 -22.95 -5.03 2.66
C ILE C 124 -23.67 -6.11 1.83
N GLN C 125 -23.49 -7.36 2.21
CA GLN C 125 -24.21 -8.44 1.57
C GLN C 125 -25.73 -8.37 1.83
N GLY C 126 -26.11 -8.26 3.11
CA GLY C 126 -27.49 -8.46 3.51
C GLY C 126 -28.39 -7.32 3.08
N LEU C 127 -28.01 -6.11 3.47
CA LEU C 127 -28.70 -4.90 3.02
C LEU C 127 -28.57 -4.76 1.50
N GLY C 128 -27.42 -5.20 1.00
CA GLY C 128 -27.15 -5.31 -0.43
C GLY C 128 -28.16 -6.16 -1.16
N TYR C 129 -28.44 -7.34 -0.63
CA TYR C 129 -29.47 -8.18 -1.21
C TYR C 129 -30.87 -7.49 -1.23
N LEU C 130 -31.34 -7.04 -0.08
CA LEU C 130 -32.63 -6.35 -0.03
C LEU C 130 -32.77 -5.22 -1.05
N LEU C 131 -31.74 -4.45 -1.31
CA LEU C 131 -31.87 -3.36 -2.31
C LEU C 131 -31.59 -3.74 -3.78
N SER C 132 -31.30 -5.02 -4.05
CA SER C 132 -30.78 -5.39 -5.40
C SER C 132 -31.10 -6.77 -5.96
N GLN C 133 -31.51 -7.68 -5.08
CA GLN C 133 -31.71 -9.08 -5.39
C GLN C 133 -30.41 -9.83 -5.80
N ILE C 134 -29.26 -9.17 -5.65
CA ILE C 134 -27.99 -9.80 -5.91
C ILE C 134 -27.48 -10.51 -4.65
N THR C 135 -27.29 -11.83 -4.75
CA THR C 135 -26.70 -12.67 -3.68
C THR C 135 -25.19 -12.94 -3.83
N ASP C 136 -24.72 -13.00 -5.09
CA ASP C 136 -23.36 -13.36 -5.40
C ASP C 136 -22.42 -12.24 -4.97
N TYR C 137 -21.42 -12.57 -4.15
CA TYR C 137 -20.57 -11.53 -3.54
C TYR C 137 -19.82 -10.63 -4.59
N LYS C 138 -19.20 -11.28 -5.59
CA LYS C 138 -18.48 -10.62 -6.71
C LYS C 138 -19.40 -9.67 -7.51
N GLN C 139 -20.46 -10.24 -8.05
CA GLN C 139 -21.49 -9.52 -8.78
C GLN C 139 -21.92 -8.31 -7.95
N LEU C 140 -22.40 -8.56 -6.73
CA LEU C 140 -22.79 -7.49 -5.77
C LEU C 140 -21.82 -6.38 -5.73
N THR C 141 -20.55 -6.72 -5.56
CA THR C 141 -19.48 -5.74 -5.39
C THR C 141 -18.96 -5.05 -6.65
N ASP C 142 -18.89 -5.76 -7.79
CA ASP C 142 -18.57 -5.08 -9.08
C ASP C 142 -19.56 -3.98 -9.39
N MET C 143 -20.83 -4.27 -9.14
CA MET C 143 -21.90 -3.37 -9.49
C MET C 143 -21.94 -2.13 -8.61
N ALA C 144 -21.50 -2.27 -7.37
CA ALA C 144 -21.46 -1.15 -6.45
C ALA C 144 -20.44 -0.11 -6.84
N GLN C 145 -19.29 -0.58 -7.32
CA GLN C 145 -18.14 0.26 -7.76
C GLN C 145 -18.57 1.30 -8.80
N HIS C 146 -19.57 0.94 -9.58
CA HIS C 146 -20.20 1.83 -10.56
C HIS C 146 -20.87 3.09 -9.85
N GLY C 147 -21.71 2.84 -8.85
CA GLY C 147 -22.63 3.83 -8.26
C GLY C 147 -22.25 5.27 -7.93
N ASP C 148 -23.22 6.16 -8.08
CA ASP C 148 -23.14 7.56 -7.68
C ASP C 148 -24.00 7.72 -6.42
N ARG C 149 -23.45 8.37 -5.40
CA ARG C 149 -24.16 8.51 -4.13
C ARG C 149 -24.82 9.89 -3.98
N ASN C 150 -24.50 10.80 -4.89
CA ASN C 150 -25.04 12.16 -4.85
C ASN C 150 -26.56 12.32 -4.66
N THR C 151 -27.38 11.58 -5.41
CA THR C 151 -28.86 11.65 -5.23
C THR C 151 -29.33 10.94 -3.95
N ILE C 152 -28.45 10.20 -3.31
CA ILE C 152 -28.79 9.46 -2.10
C ILE C 152 -28.29 10.12 -0.81
N ASP C 153 -27.03 10.52 -0.75
CA ASP C 153 -26.44 11.10 0.48
C ASP C 153 -26.61 12.60 0.53
N LEU C 154 -26.83 13.10 1.73
CA LEU C 154 -26.98 14.50 1.96
C LEU C 154 -25.64 14.93 2.48
N LYS C 155 -25.09 15.99 1.88
CA LYS C 155 -23.86 16.62 2.36
C LYS C 155 -24.16 17.76 3.31
N VAL C 156 -23.20 18.07 4.14
CA VAL C 156 -23.33 19.23 5.03
C VAL C 156 -23.77 20.49 4.28
N ARG C 157 -23.22 20.72 3.09
CA ARG C 157 -23.48 21.97 2.36
C ARG C 157 -24.91 22.07 1.84
N HIS C 158 -25.55 20.93 1.60
CA HIS C 158 -26.96 20.89 1.21
C HIS C 158 -27.92 21.48 2.27
N ILE C 159 -27.51 21.44 3.53
CA ILE C 159 -28.31 21.91 4.67
C ILE C 159 -28.05 23.40 4.92
N TYR C 160 -26.76 23.74 5.00
CA TYR C 160 -26.35 25.13 5.24
C TYR C 160 -26.51 26.05 4.04
N LYS C 161 -26.66 25.46 2.84
CA LYS C 161 -26.96 26.17 1.59
C LYS C 161 -25.87 27.15 1.20
N ASP C 162 -26.10 28.43 1.49
CA ASP C 162 -25.31 29.53 0.98
C ASP C 162 -24.65 30.23 2.11
N THR C 163 -24.51 29.53 3.23
CA THR C 163 -23.90 30.10 4.42
C THR C 163 -22.77 29.16 4.76
N GLU C 164 -21.85 29.65 5.55
CA GLU C 164 -20.61 28.95 5.82
C GLU C 164 -20.96 27.89 6.88
N PRO C 165 -20.70 26.59 6.59
CA PRO C 165 -21.06 25.58 7.59
C PRO C 165 -20.12 25.55 8.81
N PRO C 166 -20.61 24.98 9.93
CA PRO C 166 -19.76 24.84 11.10
C PRO C 166 -18.83 23.64 11.04
N ILE C 167 -19.01 22.75 10.06
CA ILE C 167 -18.04 21.71 9.75
C ILE C 167 -17.91 21.64 8.22
N PRO C 168 -16.78 21.16 7.68
CA PRO C 168 -16.59 21.21 6.22
C PRO C 168 -17.82 20.76 5.39
N GLY C 169 -18.28 21.65 4.50
CA GLY C 169 -19.45 21.43 3.61
C GLY C 169 -19.52 20.16 2.74
N ASP C 170 -18.37 19.64 2.33
CA ASP C 170 -18.34 18.46 1.47
C ASP C 170 -18.57 17.13 2.24
N LEU C 171 -18.48 17.19 3.57
CA LEU C 171 -18.81 16.06 4.43
C LEU C 171 -20.25 15.58 4.30
N THR C 172 -20.41 14.26 4.47
CA THR C 172 -21.72 13.63 4.60
C THR C 172 -22.37 14.07 5.92
N ALA C 173 -23.53 14.66 5.81
CA ALA C 173 -24.36 14.99 6.96
C ALA C 173 -25.35 13.88 7.28
N ALA C 174 -25.81 13.15 6.27
CA ALA C 174 -26.85 12.16 6.49
C ALA C 174 -26.93 11.15 5.36
N ASN C 175 -26.55 9.91 5.67
CA ASN C 175 -26.61 8.83 4.71
C ASN C 175 -28.06 8.53 4.33
N PHE C 176 -28.32 8.38 3.03
CA PHE C 176 -29.66 8.19 2.47
C PHE C 176 -30.55 9.37 2.75
N GLY C 177 -29.96 10.48 3.17
CA GLY C 177 -30.74 11.61 3.60
C GLY C 177 -31.03 12.56 2.47
N HIS C 178 -30.77 12.15 1.22
CA HIS C 178 -31.14 12.91 0.01
C HIS C 178 -32.23 12.19 -0.79
N VAL C 179 -32.35 10.89 -0.57
CA VAL C 179 -33.37 10.08 -1.20
C VAL C 179 -34.69 10.82 -1.39
N LEU C 180 -35.22 11.43 -0.34
CA LEU C 180 -36.56 12.06 -0.42
C LEU C 180 -36.64 13.34 -1.25
N HIS C 181 -35.49 13.95 -1.57
CA HIS C 181 -35.44 15.07 -2.53
C HIS C 181 -35.51 14.68 -4.01
N HIS C 182 -35.35 13.39 -4.30
CA HIS C 182 -35.17 12.85 -5.65
C HIS C 182 -36.13 11.68 -5.88
N LEU C 183 -37.36 11.79 -5.38
CA LEU C 183 -38.36 10.70 -5.47
C LEU C 183 -38.91 10.41 -6.89
N ASP C 184 -38.26 11.02 -7.85
CA ASP C 184 -38.55 10.82 -9.22
C ASP C 184 -37.20 10.45 -9.79
N ALA C 185 -36.62 9.41 -9.23
CA ALA C 185 -35.33 8.96 -9.65
C ALA C 185 -35.34 7.50 -10.01
N ASP C 186 -34.28 7.08 -10.64
CA ASP C 186 -34.14 5.70 -10.98
C ASP C 186 -33.98 5.00 -9.69
N PHE C 187 -32.94 5.43 -8.98
CA PHE C 187 -32.40 4.85 -7.77
C PHE C 187 -31.84 3.54 -8.25
N THR C 188 -30.91 3.72 -9.18
CA THR C 188 -30.11 2.68 -9.82
C THR C 188 -29.52 1.76 -8.75
N PRO C 189 -29.60 0.41 -8.92
CA PRO C 189 -28.99 -0.53 -7.94
C PRO C 189 -27.54 -0.22 -7.54
N SER C 190 -26.78 0.30 -8.49
CA SER C 190 -25.40 0.70 -8.25
C SER C 190 -25.27 1.87 -7.29
N ASN C 191 -26.14 2.87 -7.46
CA ASN C 191 -26.15 4.03 -6.55
C ASN C 191 -26.51 3.56 -5.14
N LYS C 192 -27.48 2.66 -5.06
CA LYS C 192 -27.99 2.18 -3.81
C LYS C 192 -26.89 1.38 -3.09
N LEU C 193 -26.30 0.43 -3.80
CA LEU C 193 -25.19 -0.35 -3.26
C LEU C 193 -23.92 0.44 -2.92
N ALA C 194 -23.64 1.54 -3.61
CA ALA C 194 -22.51 2.42 -3.24
C ALA C 194 -22.82 3.12 -1.95
N ALA C 195 -24.09 3.50 -1.76
CA ALA C 195 -24.58 4.08 -0.49
C ALA C 195 -24.51 3.07 0.63
N VAL C 196 -24.92 1.84 0.40
CA VAL C 196 -24.72 0.77 1.40
C VAL C 196 -23.24 0.67 1.85
N ILE C 197 -22.33 0.39 0.93
CA ILE C 197 -20.90 0.41 1.24
C ILE C 197 -20.43 1.74 1.83
N GLY C 198 -20.95 2.82 1.26
CA GLY C 198 -20.67 4.18 1.72
C GLY C 198 -20.89 4.33 3.22
N VAL C 199 -22.07 3.95 3.70
CA VAL C 199 -22.41 4.13 5.11
C VAL C 199 -21.64 3.14 6.00
N VAL C 200 -21.46 1.92 5.55
CA VAL C 200 -20.60 0.98 6.31
C VAL C 200 -19.17 1.51 6.54
N GLY C 201 -18.53 1.96 5.47
CA GLY C 201 -17.23 2.62 5.53
C GLY C 201 -17.22 3.78 6.49
N GLU C 202 -18.22 4.66 6.40
CA GLU C 202 -18.20 5.90 7.21
C GLU C 202 -18.31 5.65 8.72
N VAL C 203 -19.02 4.60 9.09
CA VAL C 203 -19.25 4.26 10.48
C VAL C 203 -18.00 3.58 11.02
N VAL C 204 -17.50 2.60 10.27
CA VAL C 204 -16.26 1.91 10.65
C VAL C 204 -15.11 2.92 10.86
N THR C 205 -14.91 3.78 9.88
CA THR C 205 -13.86 4.77 9.91
C THR C 205 -14.08 5.71 11.08
N THR C 206 -15.31 6.19 11.26
CA THR C 206 -15.66 7.17 12.34
C THR C 206 -15.41 6.59 13.75
N MET C 207 -15.82 5.34 13.94
CA MET C 207 -15.57 4.66 15.21
C MET C 207 -14.06 4.48 15.42
N ALA C 208 -13.36 4.18 14.33
CA ALA C 208 -11.91 3.99 14.35
C ALA C 208 -11.12 5.27 14.66
N ILE C 209 -11.49 6.37 14.03
CA ILE C 209 -10.82 7.63 14.31
C ILE C 209 -11.12 8.11 15.73
N THR C 210 -12.31 7.78 16.23
CA THR C 210 -12.77 8.19 17.57
C THR C 210 -11.93 7.51 18.66
N VAL C 211 -11.79 6.19 18.54
CA VAL C 211 -10.96 5.42 19.46
C VAL C 211 -9.47 5.72 19.29
N ALA C 212 -9.02 5.97 18.05
CA ALA C 212 -7.67 6.44 17.75
C ALA C 212 -7.37 7.64 18.63
N ARG C 213 -8.19 8.65 18.55
CA ARG C 213 -8.07 9.83 19.41
C ARG C 213 -8.09 9.39 20.92
N GLU C 214 -9.06 8.57 21.30
CA GLU C 214 -9.22 8.13 22.69
C GLU C 214 -7.96 7.42 23.23
N PHE C 215 -7.26 6.69 22.38
CA PHE C 215 -6.06 5.97 22.80
C PHE C 215 -4.76 6.58 22.32
N LYS C 216 -4.86 7.86 21.95
CA LYS C 216 -3.73 8.70 21.68
C LYS C 216 -2.80 8.14 20.62
N THR C 217 -3.36 7.42 19.64
CA THR C 217 -2.62 6.95 18.47
C THR C 217 -3.16 7.56 17.17
N GLU C 218 -2.26 7.78 16.21
CA GLU C 218 -2.64 8.29 14.91
C GLU C 218 -2.62 7.20 13.85
N ASN C 219 -2.27 5.96 14.21
CA ASN C 219 -2.28 4.84 13.24
C ASN C 219 -3.52 3.96 13.31
N ILE C 220 -4.08 3.64 12.14
CA ILE C 220 -5.25 2.78 12.05
C ILE C 220 -5.05 1.77 10.94
N VAL C 221 -4.94 0.52 11.31
CA VAL C 221 -4.81 -0.60 10.38
C VAL C 221 -6.15 -1.32 10.10
N TYR C 222 -6.54 -1.32 8.85
CA TYR C 222 -7.79 -1.93 8.43
C TYR C 222 -7.52 -3.35 7.92
N ILE C 223 -8.22 -4.33 8.48
CA ILE C 223 -8.16 -5.72 8.01
C ILE C 223 -9.55 -6.34 7.87
N GLY C 224 -9.60 -7.53 7.29
CA GLY C 224 -10.82 -8.28 7.08
C GLY C 224 -11.05 -8.45 5.60
N SER C 225 -11.66 -9.58 5.23
CA SER C 225 -12.03 -9.88 3.87
C SER C 225 -12.96 -8.88 3.22
N SER C 226 -13.64 -8.05 3.99
CA SER C 226 -14.55 -7.03 3.45
C SER C 226 -13.96 -6.05 2.43
N PHE C 227 -12.65 -5.98 2.31
CA PHE C 227 -12.05 -5.14 1.31
C PHE C 227 -11.73 -5.88 0.00
N HIS C 228 -11.67 -7.21 0.02
CA HIS C 228 -11.37 -7.98 -1.19
C HIS C 228 -12.46 -7.74 -2.20
N ASN C 229 -12.04 -7.30 -3.39
CA ASN C 229 -12.93 -6.89 -4.53
C ASN C 229 -13.79 -5.65 -4.27
N ASN C 230 -13.47 -4.91 -3.23
CA ASN C 230 -14.25 -3.75 -2.86
C ASN C 230 -13.37 -2.52 -2.67
N ALA C 231 -12.89 -1.98 -3.78
CA ALA C 231 -12.04 -0.80 -3.76
C ALA C 231 -12.78 0.44 -3.30
N LEU C 232 -14.09 0.48 -3.57
CA LEU C 232 -14.95 1.55 -3.07
C LEU C 232 -14.87 1.65 -1.57
N LEU C 233 -15.03 0.51 -0.93
CA LEU C 233 -14.91 0.41 0.55
C LEU C 233 -13.57 0.99 1.05
N ARG C 234 -12.44 0.53 0.47
CA ARG C 234 -11.07 1.05 0.78
C ARG C 234 -11.01 2.55 0.63
N LYS C 235 -11.57 3.04 -0.46
CA LYS C 235 -11.45 4.46 -0.80
C LYS C 235 -12.09 5.34 0.30
N VAL C 236 -13.34 4.98 0.61
CA VAL C 236 -14.17 5.64 1.62
C VAL C 236 -13.37 5.70 2.93
N VAL C 237 -12.92 4.53 3.35
CA VAL C 237 -12.19 4.36 4.62
C VAL C 237 -10.88 5.13 4.66
N GLU C 238 -10.15 5.06 3.56
CA GLU C 238 -8.87 5.71 3.43
C GLU C 238 -8.97 7.24 3.45
N ASP C 239 -9.81 7.78 2.55
CA ASP C 239 -9.98 9.23 2.46
C ASP C 239 -10.40 9.85 3.78
N TYR C 240 -11.43 9.28 4.39
CA TYR C 240 -11.93 9.85 5.63
C TYR C 240 -10.94 9.70 6.79
N THR C 241 -10.18 8.62 6.81
CA THR C 241 -9.10 8.46 7.81
C THR C 241 -8.07 9.61 7.66
N VAL C 242 -7.59 9.80 6.43
CA VAL C 242 -6.64 10.88 6.12
C VAL C 242 -7.23 12.26 6.44
N LEU C 243 -8.51 12.45 6.12
CA LEU C 243 -9.17 13.74 6.36
C LEU C 243 -9.14 14.12 7.84
N ARG C 244 -9.25 13.11 8.70
CA ARG C 244 -9.30 13.31 10.15
C ARG C 244 -7.96 13.46 10.81
N GLY C 245 -6.86 13.37 10.06
CA GLY C 245 -5.50 13.53 10.62
C GLY C 245 -4.90 12.22 11.13
N CYS C 246 -5.18 11.12 10.43
CA CYS C 246 -4.82 9.79 10.88
C CYS C 246 -4.28 9.03 9.69
N LYS C 247 -3.48 7.99 9.94
CA LYS C 247 -2.83 7.19 8.87
C LYS C 247 -3.45 5.79 8.66
N PRO C 248 -4.04 5.56 7.49
CA PRO C 248 -4.56 4.23 7.23
C PRO C 248 -3.51 3.31 6.67
N TYR C 249 -3.54 2.07 7.13
CA TYR C 249 -2.70 1.03 6.59
C TYR C 249 -3.54 -0.21 6.31
N TYR C 250 -3.49 -0.66 5.05
CA TYR C 250 -3.93 -1.99 4.70
C TYR C 250 -2.74 -2.91 4.63
N VAL C 251 -3.01 -4.19 4.58
CA VAL C 251 -1.93 -5.13 4.65
C VAL C 251 -2.21 -6.25 3.69
N GLU C 252 -1.20 -6.60 2.91
CA GLU C 252 -1.29 -7.68 1.96
C GLU C 252 -1.65 -8.90 2.83
N ASN C 253 -2.69 -9.60 2.41
CA ASN C 253 -3.25 -10.73 3.11
C ASN C 253 -3.72 -10.41 4.57
N GLY C 254 -4.18 -9.18 4.81
CA GLY C 254 -4.79 -8.82 6.10
C GLY C 254 -5.90 -9.75 6.59
N ALA C 255 -6.76 -10.16 5.68
CA ALA C 255 -7.87 -11.05 6.03
C ALA C 255 -7.49 -12.36 6.75
N PHE C 256 -6.21 -12.76 6.61
CA PHE C 256 -5.68 -13.98 7.22
C PHE C 256 -4.96 -13.80 8.57
N SER C 257 -4.88 -12.57 9.07
CA SER C 257 -4.22 -12.31 10.34
C SER C 257 -4.54 -13.37 11.40
N GLY C 258 -5.82 -13.66 11.56
CA GLY C 258 -6.29 -14.65 12.53
C GLY C 258 -5.75 -16.08 12.35
N ALA C 259 -5.74 -16.54 11.11
CA ALA C 259 -5.27 -17.90 10.85
C ALA C 259 -3.76 -18.00 11.05
N ILE C 260 -3.02 -16.96 10.62
CA ILE C 260 -1.55 -16.82 10.81
C ILE C 260 -1.21 -16.81 12.30
N GLY C 261 -1.82 -15.86 13.02
CA GLY C 261 -1.78 -15.77 14.47
C GLY C 261 -1.95 -17.09 15.21
N ALA C 262 -3.00 -17.83 14.89
CA ALA C 262 -3.28 -19.14 15.53
C ALA C 262 -2.04 -20.05 15.48
N LEU C 263 -1.38 -20.05 14.32
CA LEU C 263 -0.14 -20.80 14.10
C LEU C 263 0.98 -20.52 15.05
N TYR C 264 1.22 -19.24 15.33
CA TYR C 264 2.36 -18.82 16.13
C TYR C 264 2.01 -18.44 17.57
N LEU C 265 0.93 -19.02 18.12
CA LEU C 265 0.65 -18.91 19.56
C LEU C 265 0.99 -20.21 20.35
N GLU C 266 1.03 -21.33 19.64
CA GLU C 266 1.24 -22.69 20.23
C GLU C 266 2.10 -22.80 21.50
N MET D 1 -43.92 39.92 20.92
CA MET D 1 -43.43 38.56 21.37
C MET D 1 -42.01 38.26 20.94
N LYS D 2 -41.43 37.26 21.60
CA LYS D 2 -40.05 36.80 21.36
C LYS D 2 -40.08 35.44 20.66
N VAL D 3 -39.32 35.30 19.56
CA VAL D 3 -39.31 34.07 18.74
C VAL D 3 -37.89 33.57 18.48
N GLY D 4 -37.70 32.26 18.61
CA GLY D 4 -36.45 31.56 18.27
C GLY D 4 -36.75 30.43 17.32
N ILE D 5 -35.92 30.27 16.29
CA ILE D 5 -36.14 29.23 15.26
C ILE D 5 -34.85 28.42 14.99
N ASP D 6 -35.00 27.10 14.99
CA ASP D 6 -33.98 26.18 14.45
C ASP D 6 -34.48 25.70 13.11
N ALA D 7 -33.90 26.24 12.04
CA ALA D 7 -34.26 25.86 10.69
C ALA D 7 -33.24 24.83 10.20
N GLY D 8 -33.56 23.55 10.37
CA GLY D 8 -32.64 22.45 10.00
C GLY D 8 -32.91 21.82 8.65
N GLY D 9 -32.22 20.72 8.39
CA GLY D 9 -32.33 20.02 7.13
C GLY D 9 -33.69 19.41 6.80
N THR D 10 -34.44 18.95 7.81
CA THR D 10 -35.76 18.35 7.57
C THR D 10 -36.89 19.14 8.24
N LEU D 11 -36.66 19.69 9.42
CA LEU D 11 -37.72 20.34 10.18
C LEU D 11 -37.30 21.70 10.77
N ILE D 12 -38.27 22.61 10.83
CA ILE D 12 -38.12 23.94 11.40
C ILE D 12 -38.79 23.92 12.77
N LYS D 13 -38.02 24.25 13.80
CA LYS D 13 -38.52 24.23 15.17
C LYS D 13 -38.71 25.69 15.59
N ILE D 14 -39.90 25.97 16.10
CA ILE D 14 -40.30 27.31 16.49
C ILE D 14 -40.62 27.33 17.97
N VAL D 15 -40.12 28.35 18.63
CA VAL D 15 -40.47 28.65 20.01
C VAL D 15 -41.01 30.09 20.01
N GLN D 16 -42.16 30.30 20.64
CA GLN D 16 -42.77 31.64 20.84
C GLN D 16 -42.86 31.94 22.34
N GLU D 17 -42.35 33.12 22.75
CA GLU D 17 -42.31 33.58 24.17
C GLU D 17 -43.05 34.90 24.33
N ASN D 20 -44.06 34.93 30.40
CA ASN D 20 -45.18 35.13 29.49
C ASN D 20 -45.92 33.84 29.09
N GLN D 21 -45.11 32.81 28.78
CA GLN D 21 -45.49 31.42 28.36
C GLN D 21 -44.67 30.97 27.13
N ARG D 22 -44.62 29.66 26.89
CA ARG D 22 -43.91 29.06 25.74
C ARG D 22 -44.82 28.23 24.84
N THR D 23 -44.77 28.52 23.55
CA THR D 23 -45.45 27.70 22.51
C THR D 23 -44.37 27.01 21.66
N PHE D 24 -44.63 25.77 21.27
CA PHE D 24 -43.69 24.99 20.44
C PHE D 24 -44.39 24.60 19.16
N LYS D 25 -43.89 25.07 18.02
CA LYS D 25 -44.41 24.60 16.74
C LYS D 25 -43.30 24.03 15.86
N THR D 26 -43.66 23.06 15.05
CA THR D 26 -42.76 22.41 14.12
C THR D 26 -43.44 22.39 12.74
N GLU D 27 -42.71 22.89 11.75
CA GLU D 27 -43.11 22.84 10.34
C GLU D 27 -42.00 22.23 9.50
N LEU D 28 -42.37 21.62 8.37
CA LEU D 28 -41.38 21.00 7.47
C LEU D 28 -40.50 22.07 6.78
N THR D 29 -39.20 21.78 6.67
CA THR D 29 -38.21 22.63 5.96
C THR D 29 -38.67 22.82 4.50
N LYS D 30 -39.30 21.76 3.96
CA LYS D 30 -40.02 21.78 2.68
C LYS D 30 -41.00 22.96 2.53
N ASN D 31 -41.74 23.28 3.58
CA ASN D 31 -42.68 24.41 3.62
C ASN D 31 -42.11 25.70 4.27
N ILE D 32 -40.80 25.89 4.19
CA ILE D 32 -40.19 27.12 4.71
C ILE D 32 -40.86 28.40 4.20
N ASP D 33 -41.36 28.35 2.97
CA ASP D 33 -42.04 29.49 2.34
C ASP D 33 -43.14 30.06 3.24
N GLN D 34 -44.06 29.19 3.66
CA GLN D 34 -45.15 29.60 4.54
C GLN D 34 -44.75 29.95 6.00
N VAL D 35 -43.55 29.55 6.43
CA VAL D 35 -42.97 30.06 7.69
C VAL D 35 -42.53 31.52 7.53
N VAL D 36 -41.79 31.84 6.48
CA VAL D 36 -41.36 33.22 6.23
C VAL D 36 -42.58 34.12 6.05
N GLU D 37 -43.60 33.63 5.35
CA GLU D 37 -44.89 34.30 5.27
C GLU D 37 -45.39 34.65 6.68
N TRP D 38 -45.47 33.61 7.51
CA TRP D 38 -45.98 33.68 8.88
C TRP D 38 -45.22 34.69 9.76
N LEU D 39 -43.88 34.66 9.72
CA LEU D 39 -43.03 35.66 10.43
C LEU D 39 -43.35 37.13 10.14
N ASN D 40 -43.59 37.45 8.87
CA ASN D 40 -43.90 38.82 8.45
C ASN D 40 -45.35 39.26 8.67
N GLN D 41 -46.21 38.32 9.06
CA GLN D 41 -47.51 38.66 9.64
C GLN D 41 -47.47 39.00 11.14
N GLN D 42 -46.29 38.90 11.77
CA GLN D 42 -46.21 38.84 13.23
C GLN D 42 -45.58 40.04 13.90
N GLN D 43 -46.12 40.32 15.09
CA GLN D 43 -45.63 41.38 15.95
C GLN D 43 -44.43 40.88 16.76
N ILE D 44 -43.26 40.93 16.13
CA ILE D 44 -42.06 40.30 16.70
C ILE D 44 -41.09 41.31 17.31
N GLU D 45 -40.92 41.17 18.62
CA GLU D 45 -40.11 42.08 19.42
C GLU D 45 -38.63 41.71 19.33
N LYS D 46 -38.35 40.42 19.38
CA LYS D 46 -36.99 39.92 19.14
C LYS D 46 -36.98 38.56 18.44
N LEU D 47 -36.09 38.42 17.46
CA LEU D 47 -35.94 37.20 16.66
C LEU D 47 -34.52 36.67 16.75
N CYS D 48 -34.40 35.34 16.86
CA CYS D 48 -33.12 34.66 16.98
C CYS D 48 -33.16 33.38 16.14
N LEU D 49 -32.17 33.23 15.27
CA LEU D 49 -32.16 32.11 14.33
C LEU D 49 -30.96 31.19 14.53
N THR D 50 -31.16 29.95 14.09
CA THR D 50 -30.09 28.96 14.09
C THR D 50 -30.35 27.84 13.07
N GLY D 51 -29.27 27.13 12.76
CA GLY D 51 -29.34 25.99 11.84
C GLY D 51 -29.07 26.34 10.39
N GLY D 52 -29.02 25.30 9.58
CA GLY D 52 -28.62 25.43 8.16
C GLY D 52 -29.39 26.43 7.32
N ASN D 53 -30.70 26.46 7.49
CA ASN D 53 -31.58 27.31 6.73
C ASN D 53 -31.89 28.64 7.42
N ALA D 54 -31.12 29.02 8.43
CA ALA D 54 -31.30 30.34 9.07
C ALA D 54 -31.09 31.48 8.07
N GLY D 55 -30.04 31.37 7.25
CA GLY D 55 -29.72 32.37 6.23
C GLY D 55 -30.92 32.70 5.36
N VAL D 56 -31.53 31.63 4.82
CA VAL D 56 -32.68 31.74 3.91
C VAL D 56 -33.84 32.43 4.59
N ILE D 57 -34.03 32.15 5.87
CA ILE D 57 -35.04 32.85 6.65
C ILE D 57 -34.65 34.31 6.82
N ALA D 58 -33.39 34.55 7.21
CA ALA D 58 -32.86 35.92 7.43
C ALA D 58 -32.89 36.79 6.17
N GLU D 59 -32.57 36.21 5.01
CA GLU D 59 -32.53 36.92 3.72
C GLU D 59 -33.92 37.32 3.21
N ASN D 60 -34.94 36.52 3.55
CA ASN D 60 -36.29 36.69 3.00
C ASN D 60 -37.22 37.52 3.86
N ILE D 61 -36.77 37.94 5.04
CA ILE D 61 -37.67 38.58 6.03
C ILE D 61 -37.48 40.09 6.19
N ASN D 62 -38.55 40.73 6.65
CA ASN D 62 -38.63 42.17 6.81
C ASN D 62 -37.90 42.69 8.05
N ILE D 63 -37.88 41.86 9.09
CA ILE D 63 -37.42 42.26 10.41
C ILE D 63 -36.01 41.68 10.57
N PRO D 64 -35.06 42.49 11.07
CA PRO D 64 -33.77 41.92 11.48
C PRO D 64 -33.84 40.83 12.55
N ALA D 65 -32.71 40.16 12.75
CA ALA D 65 -32.64 38.90 13.49
C ALA D 65 -31.21 38.43 13.69
N GLN D 66 -30.84 38.18 14.94
CA GLN D 66 -29.56 37.53 15.27
C GLN D 66 -29.56 36.03 14.86
N ILE D 67 -28.43 35.60 14.31
CA ILE D 67 -28.18 34.22 13.93
C ILE D 67 -27.06 33.67 14.81
N PHE D 68 -27.27 32.46 15.33
CA PHE D 68 -26.30 31.79 16.22
C PHE D 68 -25.99 30.43 15.64
N VAL D 69 -24.82 29.89 15.96
CA VAL D 69 -24.40 28.56 15.48
C VAL D 69 -25.16 27.52 16.29
N GLU D 70 -25.66 26.50 15.62
CA GLU D 70 -26.56 25.55 16.28
C GLU D 70 -25.97 24.76 17.43
N PHE D 71 -24.67 24.52 17.40
CA PHE D 71 -24.02 23.74 18.45
C PHE D 71 -24.20 24.38 19.81
N ASP D 72 -23.75 25.62 19.94
CA ASP D 72 -23.87 26.35 21.20
C ASP D 72 -25.31 26.65 21.58
N ALA D 73 -26.13 26.89 20.58
CA ALA D 73 -27.55 27.15 20.78
C ALA D 73 -28.20 25.92 21.44
N ALA D 74 -28.10 24.78 20.76
CA ALA D 74 -28.63 23.50 21.27
C ALA D 74 -28.15 23.25 22.67
N SER D 75 -26.87 23.51 22.91
CA SER D 75 -26.27 23.31 24.22
C SER D 75 -26.96 24.11 25.31
N GLN D 76 -27.20 25.38 25.03
CA GLN D 76 -27.87 26.29 25.97
C GLN D 76 -29.28 25.90 26.25
N GLY D 77 -30.05 25.69 25.18
CA GLY D 77 -31.44 25.29 25.32
C GLY D 77 -31.59 24.00 26.11
N LEU D 78 -30.64 23.10 25.91
CA LEU D 78 -30.69 21.79 26.53
C LEU D 78 -30.47 21.91 28.02
N GLY D 79 -29.47 22.69 28.37
CA GLY D 79 -29.18 23.01 29.76
C GLY D 79 -30.32 23.73 30.44
N ILE D 80 -31.06 24.51 29.67
CA ILE D 80 -32.26 25.13 30.18
C ILE D 80 -33.37 24.12 30.40
N LEU D 81 -33.59 23.25 29.41
CA LEU D 81 -34.61 22.21 29.53
C LEU D 81 -34.31 21.21 30.67
N LEU D 82 -33.06 20.80 30.77
CA LEU D 82 -32.61 19.90 31.82
C LEU D 82 -33.01 20.42 33.20
N LYS D 83 -32.65 21.67 33.49
CA LYS D 83 -33.00 22.34 34.74
C LYS D 83 -34.50 22.43 35.00
N GLU D 84 -35.26 22.89 34.02
CA GLU D 84 -36.74 22.92 34.10
C GLU D 84 -37.37 21.53 34.37
N GLN D 85 -36.73 20.46 33.90
CA GLN D 85 -37.16 19.06 34.17
C GLN D 85 -36.38 18.36 35.29
N GLY D 86 -35.81 19.12 36.20
CA GLY D 86 -35.38 18.60 37.50
C GLY D 86 -34.08 17.84 37.53
N HIS D 87 -33.26 18.00 36.49
CA HIS D 87 -31.95 17.34 36.42
C HIS D 87 -30.85 18.33 36.84
N ASP D 88 -29.87 17.82 37.62
CA ASP D 88 -28.56 18.50 37.83
C ASP D 88 -27.42 17.54 37.51
N LEU D 89 -26.98 17.61 36.26
CA LEU D 89 -25.87 16.82 35.76
C LEU D 89 -24.67 17.72 35.70
N ALA D 90 -23.61 17.32 36.37
CA ALA D 90 -22.36 18.05 36.33
C ALA D 90 -21.76 18.07 34.92
N ASP D 91 -21.79 16.90 34.27
CA ASP D 91 -21.23 16.70 32.91
C ASP D 91 -22.10 15.73 32.06
N TYR D 92 -22.03 15.86 30.73
CA TYR D 92 -22.65 14.87 29.86
C TYR D 92 -22.20 14.88 28.41
N ILE D 93 -22.32 13.72 27.76
CA ILE D 93 -22.40 13.65 26.32
C ILE D 93 -23.85 14.00 25.94
N PHE D 94 -24.01 14.77 24.86
CA PHE D 94 -25.35 14.95 24.26
C PHE D 94 -25.34 14.66 22.76
N ALA D 95 -26.26 13.80 22.34
CA ALA D 95 -26.32 13.35 20.98
C ALA D 95 -27.53 13.95 20.34
N ASN D 96 -27.31 14.86 19.40
CA ASN D 96 -28.37 15.51 18.66
C ASN D 96 -28.67 14.64 17.46
N VAL D 97 -29.72 13.85 17.56
CA VAL D 97 -30.10 12.89 16.49
C VAL D 97 -31.13 13.53 15.59
N GLY D 98 -30.63 14.32 14.65
CA GLY D 98 -31.49 15.04 13.69
C GLY D 98 -31.55 14.32 12.35
N THR D 99 -31.42 15.09 11.29
CA THR D 99 -31.32 14.49 9.96
C THR D 99 -30.09 13.53 9.93
N GLY D 100 -29.01 14.00 10.53
CA GLY D 100 -27.91 13.17 10.94
C GLY D 100 -27.52 13.57 12.36
N THR D 101 -26.45 12.95 12.85
CA THR D 101 -26.16 12.93 14.28
C THR D 101 -24.84 13.66 14.60
N SER D 102 -24.96 14.62 15.50
CA SER D 102 -23.87 15.39 16.02
C SER D 102 -23.73 15.04 17.51
N LEU D 103 -22.51 14.67 17.91
CA LEU D 103 -22.18 14.36 19.31
C LEU D 103 -21.36 15.47 19.97
N HIS D 104 -21.67 15.73 21.23
CA HIS D 104 -21.09 16.85 21.99
C HIS D 104 -20.76 16.44 23.40
N TYR D 105 -19.68 17.00 23.92
CA TYR D 105 -19.35 16.84 25.31
C TYR D 105 -19.50 18.20 25.97
N PHE D 106 -20.34 18.24 26.99
CA PHE D 106 -20.58 19.40 27.83
C PHE D 106 -19.92 19.12 29.17
N ASP D 107 -19.10 20.07 29.65
CA ASP D 107 -18.23 19.85 30.83
C ASP D 107 -18.69 20.50 32.16
N GLY D 108 -19.90 21.02 32.18
CA GLY D 108 -20.39 21.92 33.22
C GLY D 108 -20.46 23.38 32.76
N GLN D 109 -19.45 23.82 32.01
CA GLN D 109 -19.34 25.21 31.55
C GLN D 109 -19.80 25.34 30.12
N SER D 110 -19.25 24.51 29.24
CA SER D 110 -19.57 24.62 27.81
C SER D 110 -19.45 23.32 27.05
N GLN D 111 -19.91 23.34 25.81
CA GLN D 111 -19.86 22.18 24.94
C GLN D 111 -18.72 22.25 23.96
N ARG D 112 -18.22 21.07 23.64
CA ARG D 112 -17.32 20.87 22.53
C ARG D 112 -17.95 19.77 21.66
N ARG D 113 -17.91 19.95 20.33
CA ARG D 113 -18.26 18.88 19.41
C ARG D 113 -17.13 17.84 19.32
N VAL D 114 -17.42 16.62 19.75
CA VAL D 114 -16.42 15.56 19.82
C VAL D 114 -16.57 14.51 18.73
N GLY D 115 -17.54 14.70 17.84
CA GLY D 115 -17.83 13.69 16.81
C GLY D 115 -19.20 13.81 16.16
N GLY D 116 -19.49 12.86 15.30
CA GLY D 116 -20.77 12.87 14.61
C GLY D 116 -20.78 11.83 13.54
N ILE D 117 -21.95 11.56 12.98
CA ILE D 117 -22.15 10.44 12.02
C ILE D 117 -23.45 10.67 11.26
N GLY D 118 -23.50 10.19 10.03
CA GLY D 118 -24.64 10.40 9.16
C GLY D 118 -25.72 9.36 9.31
N THR D 119 -25.66 8.54 10.36
CA THR D 119 -26.82 7.69 10.76
C THR D 119 -27.70 8.49 11.71
N GLY D 120 -28.92 8.75 11.26
CA GLY D 120 -29.87 9.48 12.01
C GLY D 120 -31.22 9.46 11.35
N GLY D 121 -31.97 10.54 11.55
CA GLY D 121 -33.30 10.70 11.01
C GLY D 121 -33.41 10.68 9.52
N GLY D 122 -32.41 11.19 8.84
CA GLY D 122 -32.42 11.23 7.37
C GLY D 122 -32.34 9.83 6.81
N MET D 123 -31.53 8.98 7.48
CA MET D 123 -31.28 7.59 7.08
C MET D 123 -32.44 6.68 7.35
N ILE D 124 -33.20 6.95 8.41
CA ILE D 124 -34.47 6.22 8.64
C ILE D 124 -35.49 6.48 7.52
N GLN D 125 -35.72 7.76 7.23
CA GLN D 125 -36.64 8.20 6.19
C GLN D 125 -36.19 7.64 4.85
N GLY D 126 -34.92 7.89 4.57
CA GLY D 126 -34.35 7.63 3.28
C GLY D 126 -34.23 6.18 2.96
N LEU D 127 -33.58 5.42 3.83
CA LEU D 127 -33.37 4.00 3.57
C LEU D 127 -34.68 3.26 3.80
N GLY D 128 -35.50 3.81 4.69
CA GLY D 128 -36.83 3.28 4.96
C GLY D 128 -37.70 3.32 3.74
N TYR D 129 -37.64 4.44 3.04
CA TYR D 129 -38.27 4.56 1.75
C TYR D 129 -37.76 3.52 0.75
N LEU D 130 -36.46 3.40 0.60
CA LEU D 130 -35.90 2.43 -0.37
C LEU D 130 -36.25 1.00 -0.02
N LEU D 131 -36.56 0.70 1.23
CA LEU D 131 -36.94 -0.68 1.53
C LEU D 131 -38.45 -0.93 1.55
N SER D 132 -39.25 0.13 1.51
CA SER D 132 -40.73 0.02 1.72
C SER D 132 -41.64 0.89 0.80
N GLN D 133 -41.04 1.87 0.12
CA GLN D 133 -41.70 2.86 -0.74
C GLN D 133 -42.57 3.85 0.03
N ILE D 134 -42.59 3.75 1.36
CA ILE D 134 -43.36 4.65 2.25
C ILE D 134 -42.61 5.95 2.37
N THR D 135 -43.30 7.05 2.11
CA THR D 135 -42.75 8.40 2.21
C THR D 135 -43.34 9.22 3.36
N ASP D 136 -44.50 8.81 3.88
CA ASP D 136 -45.12 9.50 5.01
C ASP D 136 -44.43 9.01 6.29
N TYR D 137 -44.01 9.95 7.12
CA TYR D 137 -43.12 9.68 8.25
C TYR D 137 -43.83 8.95 9.39
N LYS D 138 -44.99 9.46 9.76
CA LYS D 138 -45.85 8.82 10.75
C LYS D 138 -46.02 7.35 10.47
N GLN D 139 -46.33 7.07 9.21
CA GLN D 139 -46.61 5.72 8.70
C GLN D 139 -45.38 4.81 8.68
N LEU D 140 -44.28 5.41 8.22
CA LEU D 140 -42.99 4.74 8.15
C LEU D 140 -42.59 4.21 9.52
N THR D 141 -42.52 5.13 10.49
CA THR D 141 -42.19 4.84 11.86
C THR D 141 -43.20 3.88 12.45
N ASP D 142 -44.49 4.08 12.17
CA ASP D 142 -45.52 3.20 12.73
C ASP D 142 -45.37 1.77 12.24
N MET D 143 -45.09 1.61 10.95
CA MET D 143 -44.92 0.28 10.39
C MET D 143 -43.79 -0.49 11.05
N ALA D 144 -42.73 0.20 11.47
CA ALA D 144 -41.56 -0.41 12.13
C ALA D 144 -41.74 -0.93 13.56
N GLN D 145 -42.75 -0.44 14.28
CA GLN D 145 -42.80 -0.60 15.75
C GLN D 145 -42.86 -2.06 16.25
N HIS D 146 -43.52 -2.95 15.52
CA HIS D 146 -43.69 -4.35 15.94
C HIS D 146 -43.13 -5.32 14.94
N GLY D 147 -42.23 -4.82 14.10
CA GLY D 147 -41.40 -5.63 13.24
C GLY D 147 -40.47 -6.46 14.06
N ASP D 148 -40.02 -7.53 13.46
CA ASP D 148 -39.16 -8.52 14.12
C ASP D 148 -37.85 -8.60 13.33
N ARG D 149 -36.75 -8.44 14.05
CA ARG D 149 -35.42 -8.30 13.46
C ARG D 149 -34.69 -9.63 13.27
N ASN D 150 -35.29 -10.70 13.75
CA ASN D 150 -34.60 -11.97 13.94
C ASN D 150 -34.11 -12.64 12.67
N THR D 151 -34.88 -12.55 11.59
CA THR D 151 -34.45 -13.10 10.31
C THR D 151 -33.55 -12.15 9.49
N ILE D 152 -33.41 -10.93 9.97
CA ILE D 152 -32.58 -9.94 9.32
C ILE D 152 -31.21 -9.74 10.00
N ASP D 153 -31.17 -9.67 11.35
CA ASP D 153 -29.92 -9.44 12.09
C ASP D 153 -29.30 -10.75 12.53
N LEU D 154 -28.01 -10.68 12.77
CA LEU D 154 -27.17 -11.82 13.13
C LEU D 154 -26.54 -11.46 14.47
N LYS D 155 -26.62 -12.37 15.41
CA LYS D 155 -26.11 -12.23 16.78
C LYS D 155 -24.82 -12.98 16.95
N VAL D 156 -24.01 -12.54 17.90
CA VAL D 156 -22.73 -13.16 18.22
C VAL D 156 -22.89 -14.69 18.36
N ARG D 157 -23.94 -15.09 19.06
CA ARG D 157 -24.27 -16.50 19.27
C ARG D 157 -24.43 -17.28 17.96
N HIS D 158 -24.94 -16.65 16.91
CA HIS D 158 -25.14 -17.31 15.60
C HIS D 158 -23.83 -17.62 14.89
N ILE D 159 -22.84 -16.77 15.07
CA ILE D 159 -21.51 -17.00 14.55
C ILE D 159 -20.83 -18.07 15.40
N TYR D 160 -20.84 -17.88 16.72
CA TYR D 160 -20.14 -18.77 17.64
C TYR D 160 -20.80 -20.13 17.97
N LYS D 161 -21.93 -20.43 17.32
CA LYS D 161 -22.56 -21.78 17.35
C LYS D 161 -22.65 -22.37 18.77
N ASP D 162 -22.05 -23.54 18.99
CA ASP D 162 -22.15 -24.27 20.25
C ASP D 162 -20.84 -24.13 21.02
N THR D 163 -20.31 -22.89 21.02
CA THR D 163 -19.06 -22.52 21.68
C THR D 163 -19.26 -21.14 22.33
N GLU D 164 -18.44 -20.84 23.33
CA GLU D 164 -18.71 -19.70 24.16
C GLU D 164 -17.99 -18.50 23.53
N PRO D 165 -18.74 -17.47 23.10
CA PRO D 165 -18.10 -16.37 22.43
C PRO D 165 -17.30 -15.52 23.41
N PRO D 166 -16.40 -14.67 22.91
CA PRO D 166 -15.58 -13.81 23.78
C PRO D 166 -16.26 -12.46 24.08
N ILE D 167 -17.39 -12.17 23.42
CA ILE D 167 -18.32 -11.13 23.87
C ILE D 167 -19.78 -11.69 24.04
N PRO D 168 -20.64 -10.93 24.77
CA PRO D 168 -21.98 -11.49 25.06
C PRO D 168 -22.65 -11.96 23.79
N GLY D 169 -23.14 -13.19 23.79
CA GLY D 169 -23.78 -13.80 22.61
C GLY D 169 -25.09 -13.19 22.11
N ASP D 170 -25.80 -12.47 22.98
CA ASP D 170 -27.04 -11.84 22.60
C ASP D 170 -26.81 -10.53 21.81
N LEU D 171 -25.61 -9.96 21.86
CA LEU D 171 -25.26 -8.78 21.10
C LEU D 171 -25.44 -8.96 19.61
N THR D 172 -25.84 -7.89 18.96
CA THR D 172 -25.84 -7.82 17.50
C THR D 172 -24.39 -7.89 16.91
N ALA D 173 -24.18 -8.87 16.02
CA ALA D 173 -22.90 -9.16 15.36
C ALA D 173 -22.82 -8.44 14.02
N ALA D 174 -23.89 -8.60 13.24
CA ALA D 174 -23.98 -7.97 11.95
C ALA D 174 -25.42 -7.65 11.65
N ASN D 175 -25.67 -6.35 11.58
CA ASN D 175 -26.91 -5.77 11.09
C ASN D 175 -27.15 -6.15 9.62
N PHE D 176 -28.34 -6.66 9.31
CA PHE D 176 -28.69 -7.21 8.01
C PHE D 176 -27.84 -8.45 7.62
N GLY D 177 -27.04 -8.95 8.57
CA GLY D 177 -26.14 -10.08 8.33
C GLY D 177 -26.81 -11.47 8.39
N HIS D 178 -28.08 -11.53 8.80
CA HIS D 178 -28.84 -12.77 8.70
C HIS D 178 -29.64 -12.94 7.44
N VAL D 179 -29.71 -11.90 6.64
CA VAL D 179 -30.57 -11.86 5.48
C VAL D 179 -30.21 -13.03 4.60
N LEU D 180 -28.93 -13.26 4.40
CA LEU D 180 -28.49 -14.38 3.52
C LEU D 180 -28.81 -15.79 3.98
N HIS D 181 -29.05 -16.02 5.26
CA HIS D 181 -29.51 -17.35 5.75
C HIS D 181 -31.03 -17.58 5.72
N HIS D 182 -31.79 -16.59 5.25
CA HIS D 182 -33.26 -16.67 5.27
C HIS D 182 -33.84 -16.24 3.95
N LEU D 183 -33.21 -16.68 2.86
CA LEU D 183 -33.61 -16.25 1.49
C LEU D 183 -34.95 -16.84 1.03
N ASP D 184 -35.43 -17.84 1.77
CA ASP D 184 -36.72 -18.49 1.53
C ASP D 184 -37.84 -17.97 2.43
N ALA D 185 -37.67 -16.77 2.98
CA ALA D 185 -38.54 -16.22 4.03
C ALA D 185 -39.57 -15.20 3.55
N ASP D 186 -39.22 -14.41 2.52
CA ASP D 186 -39.96 -13.18 2.16
C ASP D 186 -39.84 -12.15 3.32
N PHE D 187 -39.24 -11.01 3.04
CA PHE D 187 -38.97 -10.02 4.09
C PHE D 187 -40.01 -8.93 4.05
N THR D 188 -40.71 -8.73 5.15
CA THR D 188 -41.91 -7.90 5.19
C THR D 188 -41.45 -6.48 5.37
N PRO D 189 -42.28 -5.49 5.02
CA PRO D 189 -41.84 -4.10 5.29
C PRO D 189 -41.64 -3.73 6.79
N SER D 190 -42.39 -4.39 7.67
CA SER D 190 -42.28 -4.15 9.12
C SER D 190 -40.91 -4.67 9.69
N ASN D 191 -40.54 -5.88 9.34
CA ASN D 191 -39.24 -6.42 9.77
C ASN D 191 -38.08 -5.62 9.22
N LYS D 192 -38.17 -5.26 7.95
CA LYS D 192 -37.17 -4.49 7.32
C LYS D 192 -37.00 -3.13 7.99
N LEU D 193 -38.11 -2.43 8.27
CA LEU D 193 -38.02 -1.09 8.83
C LEU D 193 -37.57 -1.11 10.30
N ALA D 194 -37.94 -2.16 11.02
CA ALA D 194 -37.42 -2.35 12.37
C ALA D 194 -35.88 -2.45 12.33
N ALA D 195 -35.41 -3.24 11.37
CA ALA D 195 -33.98 -3.45 11.15
C ALA D 195 -33.17 -2.18 10.79
N VAL D 196 -33.80 -1.23 10.10
CA VAL D 196 -33.20 0.10 9.77
C VAL D 196 -33.05 0.98 10.99
N ILE D 197 -34.08 0.98 11.83
CA ILE D 197 -34.10 1.70 13.09
C ILE D 197 -33.11 1.09 14.08
N GLY D 198 -33.07 -0.24 14.06
CA GLY D 198 -32.07 -1.04 14.77
C GLY D 198 -30.68 -0.53 14.58
N VAL D 199 -30.17 -0.70 13.37
CA VAL D 199 -28.84 -0.23 12.96
C VAL D 199 -28.61 1.23 13.27
N VAL D 200 -29.58 2.10 12.99
CA VAL D 200 -29.38 3.53 13.26
C VAL D 200 -29.19 3.80 14.77
N GLY D 201 -30.04 3.18 15.59
CA GLY D 201 -29.96 3.28 17.04
C GLY D 201 -28.66 2.67 17.55
N GLU D 202 -28.38 1.45 17.10
CA GLU D 202 -27.16 0.78 17.47
C GLU D 202 -25.88 1.59 17.07
N VAL D 203 -25.89 2.34 15.95
CA VAL D 203 -24.70 3.12 15.57
C VAL D 203 -24.59 4.37 16.47
N VAL D 204 -25.69 5.14 16.56
CA VAL D 204 -25.73 6.33 17.43
C VAL D 204 -25.29 6.02 18.85
N THR D 205 -25.87 4.99 19.45
CA THR D 205 -25.54 4.63 20.83
C THR D 205 -24.07 4.21 21.00
N THR D 206 -23.58 3.37 20.10
CA THR D 206 -22.16 2.93 20.09
C THR D 206 -21.21 4.12 20.03
N MET D 207 -21.59 5.10 19.23
CA MET D 207 -20.84 6.33 19.14
C MET D 207 -20.93 7.11 20.43
N ALA D 208 -22.12 7.19 21.02
CA ALA D 208 -22.33 7.99 22.23
C ALA D 208 -21.61 7.39 23.41
N ILE D 209 -21.74 6.07 23.56
CA ILE D 209 -21.12 5.42 24.69
C ILE D 209 -19.63 5.32 24.56
N THR D 210 -19.11 5.39 23.33
CA THR D 210 -17.65 5.45 23.13
C THR D 210 -17.03 6.79 23.55
N VAL D 211 -17.68 7.90 23.19
CA VAL D 211 -17.16 9.21 23.58
C VAL D 211 -17.49 9.52 25.06
N ALA D 212 -18.45 8.80 25.65
CA ALA D 212 -18.74 8.91 27.08
C ALA D 212 -17.60 8.39 27.92
N ARG D 213 -17.08 7.25 27.52
CA ARG D 213 -15.96 6.59 28.17
C ARG D 213 -14.70 7.43 28.01
N GLU D 214 -14.47 7.89 26.79
CA GLU D 214 -13.38 8.79 26.46
C GLU D 214 -13.30 10.00 27.40
N PHE D 215 -14.43 10.71 27.51
CA PHE D 215 -14.53 11.92 28.34
C PHE D 215 -15.03 11.65 29.78
N LYS D 216 -14.88 10.43 30.24
CA LYS D 216 -15.14 9.99 31.64
C LYS D 216 -16.43 10.47 32.25
N THR D 217 -17.50 10.39 31.48
CA THR D 217 -18.82 10.73 31.96
C THR D 217 -19.72 9.55 31.75
N GLU D 218 -20.75 9.51 32.57
CA GLU D 218 -21.68 8.40 32.62
C GLU D 218 -23.06 8.76 32.06
N ASN D 219 -23.31 10.06 31.88
CA ASN D 219 -24.58 10.59 31.36
C ASN D 219 -24.55 10.84 29.87
N ILE D 220 -25.63 10.41 29.23
CA ILE D 220 -25.84 10.59 27.82
C ILE D 220 -27.25 11.06 27.60
N VAL D 221 -27.38 12.30 27.15
CA VAL D 221 -28.64 12.91 26.87
C VAL D 221 -28.89 12.82 25.37
N TYR D 222 -29.99 12.22 24.97
CA TYR D 222 -30.38 12.12 23.55
C TYR D 222 -31.47 13.13 23.22
N ILE D 223 -31.21 14.01 22.26
CA ILE D 223 -32.18 14.95 21.70
C ILE D 223 -32.38 14.68 20.20
N GLY D 224 -33.25 15.46 19.57
CA GLY D 224 -33.55 15.43 18.14
C GLY D 224 -34.99 14.97 17.86
N SER D 225 -35.53 15.42 16.73
CA SER D 225 -36.85 14.94 16.32
C SER D 225 -36.84 13.49 15.81
N SER D 226 -35.69 12.84 15.69
CA SER D 226 -35.65 11.44 15.26
C SER D 226 -36.41 10.52 16.19
N PHE D 227 -36.59 10.97 17.43
CA PHE D 227 -37.23 10.15 18.46
C PHE D 227 -38.75 10.26 18.41
N HIS D 228 -39.27 11.26 17.72
CA HIS D 228 -40.70 11.49 17.63
C HIS D 228 -41.42 10.42 16.86
N ASN D 229 -42.54 10.02 17.42
CA ASN D 229 -43.31 8.90 16.93
C ASN D 229 -42.51 7.62 16.70
N ASN D 230 -41.48 7.38 17.47
CA ASN D 230 -40.63 6.19 17.29
C ASN D 230 -40.15 5.61 18.63
N ALA D 231 -41.05 4.86 19.27
CA ALA D 231 -40.72 4.24 20.54
C ALA D 231 -39.60 3.18 20.43
N LEU D 232 -39.57 2.44 19.34
CA LEU D 232 -38.54 1.43 19.14
C LEU D 232 -37.15 2.03 18.98
N LEU D 233 -37.03 3.22 18.44
CA LEU D 233 -35.73 3.88 18.38
C LEU D 233 -35.21 4.27 19.79
N ARG D 234 -36.15 4.78 20.60
CA ARG D 234 -35.92 5.08 22.01
C ARG D 234 -35.48 3.89 22.79
N LYS D 235 -36.16 2.80 22.58
CA LYS D 235 -35.90 1.57 23.31
C LYS D 235 -34.56 0.92 23.00
N VAL D 236 -34.21 0.85 21.72
CA VAL D 236 -32.92 0.35 21.22
C VAL D 236 -31.78 1.13 21.87
N VAL D 237 -31.88 2.45 21.77
CA VAL D 237 -30.87 3.36 22.34
C VAL D 237 -30.75 3.19 23.83
N GLU D 238 -31.88 3.32 24.50
CA GLU D 238 -31.95 3.17 25.93
C GLU D 238 -31.32 1.86 26.44
N ASP D 239 -31.79 0.73 25.91
CA ASP D 239 -31.31 -0.60 26.37
C ASP D 239 -29.82 -0.79 26.19
N TYR D 240 -29.29 -0.33 25.05
CA TYR D 240 -27.87 -0.47 24.78
C TYR D 240 -27.02 0.42 25.68
N THR D 241 -27.50 1.65 25.92
CA THR D 241 -26.79 2.61 26.80
C THR D 241 -26.64 2.03 28.20
N VAL D 242 -27.75 1.55 28.74
CA VAL D 242 -27.81 0.88 30.05
C VAL D 242 -26.91 -0.38 30.05
N LEU D 243 -27.10 -1.25 29.07
CA LEU D 243 -26.20 -2.37 28.84
C LEU D 243 -24.75 -1.98 28.97
N ARG D 244 -24.41 -0.83 28.39
CA ARG D 244 -23.03 -0.33 28.35
C ARG D 244 -22.59 0.50 29.57
N GLY D 245 -23.37 0.48 30.64
CA GLY D 245 -22.95 1.07 31.90
C GLY D 245 -23.22 2.54 32.00
N CYS D 246 -24.02 3.07 31.08
CA CYS D 246 -24.25 4.50 30.99
C CYS D 246 -25.73 4.81 31.27
N LYS D 247 -26.00 6.05 31.63
CA LYS D 247 -27.35 6.56 31.90
C LYS D 247 -27.99 7.24 30.68
N PRO D 248 -29.09 6.68 30.12
CA PRO D 248 -29.84 7.41 29.09
C PRO D 248 -30.77 8.50 29.66
N TYR D 249 -30.85 9.66 29.00
CA TYR D 249 -31.86 10.70 29.30
C TYR D 249 -32.54 11.20 28.04
N TYR D 250 -33.88 11.27 28.08
CA TYR D 250 -34.68 11.99 27.07
C TYR D 250 -35.14 13.29 27.68
N VAL D 251 -35.64 14.19 26.85
CA VAL D 251 -35.99 15.54 27.31
C VAL D 251 -37.24 15.98 26.56
N GLU D 252 -38.27 16.35 27.31
CA GLU D 252 -39.51 16.85 26.75
C GLU D 252 -39.13 18.11 26.01
N ASN D 253 -39.61 18.19 24.77
CA ASN D 253 -39.23 19.24 23.83
C ASN D 253 -37.72 19.38 23.54
N GLY D 254 -36.98 18.28 23.69
CA GLY D 254 -35.54 18.29 23.46
C GLY D 254 -35.11 18.65 22.04
N ALA D 255 -36.01 18.45 21.09
CA ALA D 255 -35.84 18.88 19.70
C ALA D 255 -35.77 20.40 19.52
N PHE D 256 -36.37 21.15 20.46
CA PHE D 256 -36.37 22.62 20.41
C PHE D 256 -35.19 23.31 21.12
N SER D 257 -34.26 22.52 21.66
CA SER D 257 -33.06 23.00 22.36
C SER D 257 -32.37 24.15 21.65
N GLY D 258 -32.10 23.96 20.36
CA GLY D 258 -31.49 24.97 19.49
C GLY D 258 -32.32 26.24 19.34
N ALA D 259 -33.64 26.08 19.17
CA ALA D 259 -34.56 27.21 19.08
C ALA D 259 -34.65 27.95 20.42
N ILE D 260 -34.66 27.20 21.54
CA ILE D 260 -34.69 27.83 22.86
C ILE D 260 -33.38 28.57 23.14
N GLY D 261 -32.25 27.91 22.86
CA GLY D 261 -30.92 28.48 23.03
C GLY D 261 -30.67 29.77 22.26
N ALA D 262 -31.13 29.81 21.01
CA ALA D 262 -31.03 31.01 20.18
C ALA D 262 -31.67 32.21 20.89
N LEU D 263 -32.84 32.02 21.48
CA LEU D 263 -33.49 33.05 22.29
C LEU D 263 -32.68 33.50 23.49
N TYR D 264 -32.12 32.54 24.23
CA TYR D 264 -31.31 32.83 25.44
C TYR D 264 -29.80 32.84 25.23
N LEU D 265 -29.38 33.34 24.06
CA LEU D 265 -27.98 33.79 23.85
C LEU D 265 -27.88 35.33 23.71
N GLU D 266 -29.03 36.01 23.75
CA GLU D 266 -29.12 37.48 23.75
C GLU D 266 -29.54 37.97 25.14
PG ATP E . 11.59 -16.47 -13.04
O1G ATP E . 12.53 -15.22 -13.15
O2G ATP E . 11.91 -17.78 -13.76
O3G ATP E . 10.13 -16.14 -13.30
PB ATP E . 10.49 -17.25 -10.51
O1B ATP E . 9.26 -17.00 -11.31
O2B ATP E . 10.76 -18.53 -9.79
O3B ATP E . 11.71 -16.91 -11.48
PA ATP E . 9.71 -15.58 -8.30
O1A ATP E . 9.08 -14.34 -8.85
O2A ATP E . 8.74 -16.58 -7.72
O3A ATP E . 10.70 -16.10 -9.45
O5' ATP E . 10.73 -15.04 -7.18
C5' ATP E . 11.91 -15.78 -6.94
C4' ATP E . 12.62 -15.22 -5.72
O4' ATP E . 11.71 -15.14 -4.64
C3' ATP E . 13.70 -16.11 -5.14
O3' ATP E . 14.92 -16.10 -5.86
C2' ATP E . 13.86 -15.51 -3.76
O2' ATP E . 14.71 -14.36 -3.74
C1' ATP E . 12.45 -15.11 -3.42
N9 ATP E . 11.78 -16.05 -2.51
C8 ATP E . 10.65 -15.75 -1.86
N7 ATP E . 10.28 -16.79 -1.13
C5 ATP E . 11.16 -17.76 -1.28
C6 ATP E . 11.35 -19.11 -0.78
N6 ATP E . 10.44 -19.59 0.07
N1 ATP E . 12.40 -19.85 -1.17
C2 ATP E . 13.28 -19.35 -2.03
N3 ATP E . 13.14 -18.13 -2.53
C4 ATP E . 12.14 -17.28 -2.20
C02 C0G F . 31.25 10.52 -9.36
C03 C0G F . 29.74 10.20 -9.63
C04 C0G F . 29.23 11.27 -10.62
C25 C0G F . 28.96 10.21 -8.30
C05 C0G F . 29.61 8.78 -10.25
O24 C0G F . 30.32 7.84 -9.42
C06 C0G F . 28.10 8.39 -10.43
O23 C0G F . 27.38 8.97 -11.23
N07 C0G F . 27.66 7.44 -9.59
C08 C0G F . 26.31 6.84 -9.62
C09 C0G F . 25.31 7.74 -8.94
C10 C0G F . 23.93 7.19 -9.30
O22 C0G F . 23.35 7.63 -10.28
N11 C0G F . 23.46 6.26 -8.48
C12 C0G F . 22.23 5.56 -8.70
C13 C0G F . 21.49 5.32 -7.49
C21 C0G F . 21.57 5.99 -6.26
C17 C0G F . 20.76 5.66 -5.24
O18 C0G F . 20.74 6.18 -3.99
C19 C0G F . 19.85 5.30 -3.26
O20 C0G F . 19.12 4.52 -4.23
C16 C0G F . 19.83 4.70 -5.36
C15 C0G F . 19.67 4.05 -6.49
C14 C0G F . 20.49 4.36 -7.56
PB ADP G . 37.19 7.88 -10.30
O1B ADP G . 37.17 9.18 -11.09
O2B ADP G . 38.51 7.66 -9.61
O3B ADP G . 36.01 7.75 -9.37
PA ADP G . 38.09 6.18 -12.50
O1A ADP G . 37.65 6.51 -13.89
O2A ADP G . 39.53 6.54 -12.20
O3A ADP G . 37.00 6.71 -11.41
O5' ADP G . 37.95 4.59 -12.21
C5' ADP G . 38.43 4.08 -10.94
C4' ADP G . 38.29 2.55 -10.96
O4' ADP G . 39.17 2.01 -11.91
C3' ADP G . 38.57 1.80 -9.66
O3' ADP G . 37.36 1.64 -8.92
C2' ADP G . 39.09 0.47 -10.16
O2' ADP G . 38.03 -0.43 -10.48
C1' ADP G . 39.73 0.78 -11.47
N9 ADP G . 41.20 0.91 -11.38
C8 ADP G . 41.95 0.98 -12.50
N7 ADP G . 43.26 1.09 -12.18
C5 ADP G . 43.33 1.08 -10.84
C6 ADP G . 44.39 1.21 -9.85
N6 ADP G . 45.65 1.29 -10.30
N1 ADP G . 44.12 1.22 -8.53
C2 ADP G . 42.87 1.14 -8.07
N3 ADP G . 41.84 1.04 -8.94
C4 ADP G . 41.98 1.00 -10.31
C02 C0G H . 12.52 -15.79 -16.65
C03 C0G H . 13.24 -14.61 -17.35
C04 C0G H . 12.20 -14.00 -18.33
C25 C0G H . 14.46 -15.09 -18.13
C05 C0G H . 13.72 -13.58 -16.27
O24 C0G H . 14.48 -14.18 -15.18
C06 C0G H . 14.53 -12.41 -16.89
O23 C0G H . 14.00 -11.56 -17.59
N07 C0G H . 15.82 -12.44 -16.56
C08 C0G H . 16.78 -11.43 -17.00
C09 C0G H . 17.17 -11.74 -18.44
C10 C0G H . 17.85 -10.52 -19.03
O22 C0G H . 17.16 -9.72 -19.63
N11 C0G H . 19.20 -10.40 -18.83
C12 C0G H . 19.91 -9.24 -19.34
C13 C0G H . 21.23 -9.49 -19.79
C21 C0G H . 21.68 -10.69 -20.32
C17 C0G H . 22.94 -10.83 -20.77
O18 C0G H . 23.52 -11.91 -21.32
C19 C0G H . 24.89 -11.57 -21.44
O20 C0G H . 24.98 -10.15 -21.21
C16 C0G H . 23.79 -9.80 -20.72
C15 C0G H . 23.42 -8.64 -20.24
C14 C0G H . 22.14 -8.45 -19.78
PG ATP I . -16.36 -12.46 11.73
O1G ATP I . -14.84 -12.47 11.96
O2G ATP I . -16.96 -11.07 12.09
O3G ATP I . -17.01 -13.72 12.28
PB ATP I . -15.53 -13.42 9.10
O1B ATP I . -16.18 -14.48 8.23
O2B ATP I . -14.29 -13.74 9.89
O3B ATP I . -16.61 -12.71 10.12
PA ATP I . -14.16 -11.85 7.03
O1A ATP I . -13.12 -10.90 7.55
O2A ATP I . -13.84 -13.16 6.37
O3A ATP I . -15.28 -12.15 8.14
O5' ATP I . -15.06 -10.86 6.12
C5' ATP I . -16.30 -11.36 5.66
C4' ATP I . -16.79 -10.43 4.55
O4' ATP I . -15.88 -10.38 3.47
C3' ATP I . -18.11 -10.88 3.91
O3' ATP I . -19.28 -10.68 4.71
C2' ATP I . -18.05 -10.09 2.62
O2' ATP I . -18.47 -8.74 2.73
C1' ATP I . -16.58 -10.08 2.27
N9 ATP I . -16.20 -11.11 1.29
C8 ATP I . -15.02 -11.12 0.63
N7 ATP I . -14.95 -12.17 -0.21
C5 ATP I . -16.08 -12.87 -0.06
C6 ATP I . -16.67 -14.08 -0.63
N6 ATP I . -15.99 -14.80 -1.53
N1 ATP I . -17.89 -14.47 -0.24
C2 ATP I . -18.60 -13.79 0.66
N3 ATP I . -18.12 -12.68 1.22
C4 ATP I . -16.90 -12.17 0.91
C02 C0G J . -26.51 19.65 10.86
C03 C0G J . -25.19 18.87 11.06
C04 C0G J . -24.36 19.58 12.15
C25 C0G J . -24.45 18.83 9.67
C05 C0G J . -25.52 17.44 11.55
O24 C0G J . -26.39 16.76 10.64
C06 C0G J . -24.28 16.57 11.67
O23 C0G J . -23.41 16.78 12.52
N07 C0G J . -24.24 15.59 10.75
C08 C0G J . -23.19 14.58 10.68
C09 C0G J . -21.93 15.10 10.01
C10 C0G J . -20.79 14.10 10.31
O22 C0G J . -20.14 14.23 11.35
N11 C0G J . -20.55 13.12 9.40
C12 C0G J . -19.50 12.17 9.64
C13 C0G J . -18.85 11.70 8.47
C21 C0G J . -18.69 12.42 7.28
C17 C0G J . -18.05 11.90 6.22
O18 C0G J . -17.83 12.46 4.98
C19 C0G J . -17.42 11.34 4.15
O20 C0G J . -16.92 10.33 5.10
C16 C0G J . -17.53 10.66 6.28
C15 C0G J . -17.63 9.93 7.39
C14 C0G J . -18.27 10.43 8.51
PB ADP K . -32.87 18.79 11.63
O1B ADP K . -31.81 18.32 10.67
O2B ADP K . -34.15 19.16 10.91
O3B ADP K . -32.48 19.83 12.63
PA ADP K . -34.38 17.20 13.59
O1A ADP K . -35.54 18.14 13.32
O2A ADP K . -33.80 17.13 14.98
O3A ADP K . -33.16 17.50 12.54
O5' ADP K . -34.86 15.70 13.24
C5' ADP K . -35.32 15.43 11.91
C4' ADP K . -35.74 13.97 11.83
O4' ADP K . -36.90 13.77 12.62
C3' ADP K . -36.13 13.48 10.46
O3' ADP K . -35.02 13.03 9.70
C2' ADP K . -37.07 12.34 10.79
O2' ADP K . -36.28 11.20 11.14
C1' ADP K . -37.78 12.77 12.07
N9 ADP K . -39.12 13.39 11.96
C8 ADP K . -39.87 13.63 13.06
N7 ADP K . -41.04 14.19 12.73
C5 ADP K . -41.07 14.33 11.41
C6 ADP K . -42.01 14.86 10.40
N6 ADP K . -43.19 15.38 10.77
N1 ADP K . -41.67 14.85 9.11
C2 ADP K . -40.51 14.36 8.70
N3 ADP K . -39.61 13.86 9.56
C4 ADP K . -39.80 13.80 10.90
C02 C0G L . -17.06 -12.16 15.49
C03 C0G L . -17.44 -10.88 16.31
C04 C0G L . -16.33 -10.66 17.37
C25 C0G L . -18.80 -11.12 16.94
C05 C0G L . -17.55 -9.67 15.36
O24 C0G L . -18.45 -9.95 14.28
C06 C0G L . -17.98 -8.36 16.06
O23 C0G L . -17.20 -7.73 16.75
N07 C0G L . -19.21 -7.95 15.71
C08 C0G L . -19.85 -6.74 16.25
C09 C0G L . -20.23 -6.94 17.76
C10 C0G L . -20.54 -5.57 18.42
O22 C0G L . -19.72 -5.03 19.16
N11 C0G L . -21.74 -5.06 18.19
C12 C0G L . -22.13 -3.73 18.69
C13 C0G L . -23.48 -3.61 19.16
C21 C0G L . -24.31 -4.68 19.57
C17 C0G L . -25.57 -4.49 20.03
O18 C0G L . -26.49 -5.42 20.50
C19 C0G L . -27.70 -4.66 20.73
O20 C0G L . -27.35 -3.25 20.61
C16 C0G L . -26.07 -3.23 20.11
C15 C0G L . -25.33 -2.18 19.73
C14 C0G L . -24.02 -2.33 19.25
#